data_2Z48
#
_entry.id   2Z48
#
_cell.length_a   52.637
_cell.length_b   65.169
_cell.length_c   66.675
_cell.angle_alpha   85.30
_cell.angle_beta   73.55
_cell.angle_gamma   89.94
#
_symmetry.space_group_name_H-M   'P 1'
#
loop_
_entity.id
_entity.type
_entity.pdbx_description
1 polymer 'Hemolytic lectin CEL-III'
2 non-polymer 2-acetamido-2-deoxy-alpha-D-galactopyranose
3 non-polymer 2-acetamido-2-deoxy-beta-D-galactopyranose
4 non-polymer 'CALCIUM ION'
5 non-polymer 'MAGNESIUM ION'
6 water water
#
_entity_poly.entity_id   1
_entity_poly.type   'polypeptide(L)'
_entity_poly.pdbx_seq_one_letter_code
;(PCA)VLCTNPLDIGELRSFKSKQCVDIVGNQGSGNIATYDCDGLSDQQIIICGDGTIRNEARNYCFTPDGSGNANVMSS
PCTLYPEIPSSQRWRQGRRKTFTDNGGIEQVATEIINLASGKCLDIEGSDGTGDIGVYDCQNLDDQYFYVRSRGPELFYG
RLRNEKSDLCLDVEGSDGKGNVLMYSCEDNLDQWFRYYENGEIVNAKSGMCLDVEGSDGSGNVGIYRCDDLRDQMWSRPN
AYCNGDYCSFLNKESNKCLDVSGDQGTGDVGTWQCDGLPDQRFKWVFDDWEVPTATWNMVGCDQNGKVSQQISNTISFSS
TVTAGVAVEVSSTIEKGVIFAKATVSVKVTASLSKAWTNSQSGTTAITYTCDNYDSDEEFTRGCMWQLAIETTEVKSGDL
LVWNPQIVKCTRSNTAPGCAPFTKCANEDCTFCTDI
;
_entity_poly.pdbx_strand_id   A,B
#
loop_
_chem_comp.id
_chem_comp.type
_chem_comp.name
_chem_comp.formula
A2G D-saccharide, alpha linking 2-acetamido-2-deoxy-alpha-D-galactopyranose 'C8 H15 N O6'
CA non-polymer 'CALCIUM ION' 'Ca 2'
MG non-polymer 'MAGNESIUM ION' 'Mg 2'
NGA D-saccharide, beta linking 2-acetamido-2-deoxy-beta-D-galactopyranose 'C8 H15 N O6'
#
# COMPACT_ATOMS: atom_id res chain seq x y z
N VAL A 2 -11.74 -12.30 10.32
CA VAL A 2 -11.11 -11.01 9.87
C VAL A 2 -9.71 -10.89 10.49
N LEU A 3 -9.65 -10.62 11.79
CA LEU A 3 -8.41 -10.75 12.55
C LEU A 3 -7.93 -12.21 12.55
N CYS A 4 -6.66 -12.42 12.90
CA CYS A 4 -6.14 -13.76 13.09
C CYS A 4 -6.68 -14.32 14.42
N THR A 5 -7.55 -15.33 14.31
CA THR A 5 -8.20 -15.95 15.48
C THR A 5 -7.34 -17.08 16.05
N ASN A 6 -6.33 -17.52 15.31
CA ASN A 6 -5.48 -18.62 15.77
C ASN A 6 -3.99 -18.27 15.73
N PRO A 7 -3.60 -17.21 16.47
CA PRO A 7 -2.18 -16.80 16.50
C PRO A 7 -1.31 -17.84 17.19
N LEU A 8 -0.05 -17.86 16.77
CA LEU A 8 0.95 -18.74 17.33
C LEU A 8 1.98 -18.01 18.17
N ASP A 9 2.22 -16.74 17.86
CA ASP A 9 3.23 -15.96 18.56
C ASP A 9 2.99 -14.47 18.27
N ILE A 10 3.21 -13.61 19.25
CA ILE A 10 3.19 -12.16 19.03
C ILE A 10 4.45 -11.56 19.67
N GLY A 11 5.23 -10.87 18.85
CA GLY A 11 6.33 -10.07 19.39
C GLY A 11 7.20 -9.49 18.29
N GLU A 12 8.36 -8.97 18.69
CA GLU A 12 9.32 -8.44 17.74
C GLU A 12 9.85 -9.56 16.89
N LEU A 13 9.81 -9.37 15.58
CA LEU A 13 10.49 -10.29 14.68
C LEU A 13 11.85 -9.73 14.36
N ARG A 14 12.89 -10.47 14.73
CA ARG A 14 14.25 -9.96 14.60
C ARG A 14 15.13 -10.78 13.68
N SER A 15 16.09 -10.09 13.05
CA SER A 15 17.16 -10.73 12.30
C SER A 15 18.14 -11.52 13.17
N PHE A 16 18.37 -12.80 12.85
CA PHE A 16 19.41 -13.61 13.50
C PHE A 16 20.78 -12.94 13.37
N LYS A 17 21.02 -12.37 12.20
CA LYS A 17 22.31 -11.75 11.86
C LYS A 17 22.59 -10.45 12.65
N SER A 18 21.73 -9.45 12.49
CA SER A 18 22.00 -8.11 13.01
C SER A 18 21.26 -7.83 14.32
N LYS A 19 20.28 -8.69 14.61
CA LYS A 19 19.35 -8.53 15.76
C LYS A 19 18.46 -7.29 15.61
N GLN A 20 18.45 -6.68 14.41
CA GLN A 20 17.51 -5.59 14.12
C GLN A 20 16.06 -6.09 14.02
N CYS A 21 15.12 -5.20 14.28
CA CYS A 21 13.70 -5.53 14.10
C CYS A 21 13.29 -5.50 12.63
N VAL A 22 12.39 -6.40 12.28
CA VAL A 22 11.72 -6.36 10.99
C VAL A 22 10.65 -5.29 11.13
N ASP A 23 10.76 -4.24 10.31
CA ASP A 23 10.04 -3.00 10.56
C ASP A 23 9.18 -2.61 9.36
N ILE A 24 7.96 -2.18 9.65
CA ILE A 24 7.10 -1.57 8.64
C ILE A 24 7.28 -0.05 8.73
N VAL A 25 7.50 0.59 7.58
CA VAL A 25 7.73 2.04 7.56
C VAL A 25 6.62 2.77 8.33
N GLY A 26 6.99 3.82 9.06
CA GLY A 26 6.03 4.57 9.85
C GLY A 26 5.53 3.78 11.04
N ASN A 27 4.31 4.05 11.48
CA ASN A 27 3.77 3.39 12.65
C ASN A 27 2.32 2.91 12.47
N GLN A 28 1.83 2.89 11.24
CA GLN A 28 0.43 2.54 10.98
C GLN A 28 0.22 1.08 10.56
N GLY A 29 1.31 0.35 10.36
CA GLY A 29 1.20 -1.07 10.05
C GLY A 29 1.00 -1.43 8.58
N SER A 30 1.28 -0.49 7.69
CA SER A 30 1.21 -0.72 6.24
C SER A 30 2.40 -0.03 5.56
N GLY A 31 2.89 -0.64 4.49
CA GLY A 31 3.99 -0.06 3.73
C GLY A 31 5.16 -1.00 3.65
N ASN A 32 6.27 -0.50 3.14
CA ASN A 32 7.42 -1.33 2.89
C ASN A 32 7.94 -1.91 4.21
N ILE A 33 8.58 -3.07 4.10
CA ILE A 33 9.22 -3.76 5.20
C ILE A 33 10.75 -3.78 4.99
N ALA A 34 11.47 -3.42 6.05
CA ALA A 34 12.94 -3.39 6.02
C ALA A 34 13.42 -3.54 7.47
N THR A 35 14.73 -3.62 7.67
CA THR A 35 15.20 -3.66 9.05
C THR A 35 15.19 -2.26 9.67
N TYR A 36 15.06 -2.20 10.98
CA TYR A 36 15.19 -0.93 11.69
C TYR A 36 15.48 -1.19 13.14
N ASP A 37 15.98 -0.17 13.84
CA ASP A 37 16.05 -0.27 15.29
C ASP A 37 14.68 -0.63 15.86
N CYS A 38 14.68 -1.48 16.89
CA CYS A 38 13.44 -1.81 17.59
C CYS A 38 13.00 -0.58 18.35
N ASP A 39 11.77 -0.14 18.12
CA ASP A 39 11.34 1.13 18.72
C ASP A 39 10.10 1.03 19.60
N GLY A 40 9.61 -0.19 19.81
CA GLY A 40 8.56 -0.46 20.77
C GLY A 40 7.16 -0.12 20.30
N LEU A 41 7.02 0.29 19.05
CA LEU A 41 5.71 0.65 18.51
C LEU A 41 4.94 -0.62 18.10
N SER A 42 3.61 -0.52 18.08
CA SER A 42 2.74 -1.69 17.84
C SER A 42 2.88 -2.35 16.48
N ASP A 43 3.32 -1.58 15.49
CA ASP A 43 3.61 -2.15 14.15
C ASP A 43 4.76 -3.15 14.14
N GLN A 44 5.67 -3.04 15.11
CA GLN A 44 6.80 -4.00 15.25
C GLN A 44 6.40 -5.21 16.11
N GLN A 45 5.19 -5.21 16.64
CA GLN A 45 4.63 -6.39 17.27
C GLN A 45 4.03 -7.29 16.20
N ILE A 46 4.84 -8.23 15.72
CA ILE A 46 4.46 -9.08 14.62
C ILE A 46 3.58 -10.24 15.13
N ILE A 47 2.58 -10.62 14.35
CA ILE A 47 1.69 -11.71 14.73
C ILE A 47 1.93 -12.87 13.79
N ILE A 48 2.36 -13.99 14.34
CA ILE A 48 2.58 -15.18 13.54
C ILE A 48 1.27 -15.94 13.60
N CYS A 49 0.54 -15.95 12.47
CA CYS A 49 -0.81 -16.51 12.44
C CYS A 49 -0.82 -17.98 12.08
N GLY A 50 -1.67 -18.76 12.75
CA GLY A 50 -1.80 -20.20 12.48
C GLY A 50 -2.25 -20.54 11.06
N ASP A 51 -2.88 -19.57 10.39
CA ASP A 51 -3.26 -19.71 8.97
C ASP A 51 -2.11 -19.50 7.97
N GLY A 52 -0.91 -19.22 8.48
CA GLY A 52 0.25 -19.03 7.60
C GLY A 52 0.60 -17.59 7.32
N THR A 53 -0.32 -16.66 7.58
CA THR A 53 -0.05 -15.26 7.32
C THR A 53 0.80 -14.68 8.44
N ILE A 54 1.46 -13.58 8.12
CA ILE A 54 2.22 -12.83 9.12
C ILE A 54 1.62 -11.42 9.15
N ARG A 55 1.10 -11.03 10.31
CA ARG A 55 0.44 -9.75 10.49
C ARG A 55 1.13 -8.91 11.58
N ASN A 56 0.45 -7.88 12.08
CA ASN A 56 1.06 -6.98 13.08
C ASN A 56 -0.01 -6.33 13.92
N GLU A 57 0.37 -5.76 15.05
CA GLU A 57 -0.63 -5.28 16.00
C GLU A 57 -1.19 -3.89 15.69
N ALA A 58 -0.54 -3.17 14.79
CA ALA A 58 -1.00 -1.81 14.45
C ALA A 58 -2.14 -1.87 13.44
N ARG A 59 -2.07 -2.83 12.52
CA ARG A 59 -3.06 -2.97 11.46
C ARG A 59 -3.19 -4.42 11.01
N ASN A 60 -4.41 -4.85 10.67
CA ASN A 60 -4.66 -6.23 10.22
C ASN A 60 -4.26 -6.43 8.75
N TYR A 61 -2.96 -6.19 8.48
CA TYR A 61 -2.35 -6.36 7.15
C TYR A 61 -1.34 -7.51 7.21
N CYS A 62 -0.97 -8.00 6.03
CA CYS A 62 -0.18 -9.21 5.89
C CYS A 62 1.16 -8.94 5.18
N PHE A 63 2.23 -9.58 5.64
CA PHE A 63 3.47 -9.60 4.86
C PHE A 63 3.18 -10.17 3.49
N THR A 64 3.52 -9.44 2.44
CA THR A 64 3.13 -9.81 1.08
C THR A 64 4.25 -9.49 0.09
N PRO A 65 4.67 -10.47 -0.73
CA PRO A 65 5.66 -10.18 -1.79
C PRO A 65 5.01 -9.40 -2.92
N ASP A 66 5.72 -8.40 -3.45
CA ASP A 66 5.14 -7.54 -4.48
C ASP A 66 5.50 -8.13 -5.83
N GLY A 67 4.78 -9.18 -6.20
CA GLY A 67 5.00 -9.87 -7.47
C GLY A 67 5.71 -11.21 -7.33
N SER A 68 6.04 -11.80 -8.48
CA SER A 68 6.69 -13.11 -8.52
C SER A 68 8.21 -12.96 -8.50
N GLY A 69 8.89 -14.09 -8.35
CA GLY A 69 10.34 -14.13 -8.34
C GLY A 69 10.91 -13.43 -7.12
N ASN A 70 12.14 -12.94 -7.24
CA ASN A 70 12.81 -12.28 -6.13
C ASN A 70 12.25 -10.87 -5.93
N ALA A 71 11.14 -10.79 -5.19
CA ALA A 71 10.39 -9.55 -5.08
C ALA A 71 10.56 -8.85 -3.76
N ASN A 72 10.10 -7.60 -3.71
CA ASN A 72 10.05 -6.83 -2.49
C ASN A 72 8.92 -7.33 -1.60
N VAL A 73 9.08 -7.17 -0.28
CA VAL A 73 8.02 -7.54 0.67
C VAL A 73 7.52 -6.28 1.38
N MET A 74 6.20 -6.15 1.46
CA MET A 74 5.54 -5.04 2.10
C MET A 74 4.42 -5.56 2.99
N SER A 75 3.90 -4.69 3.85
CA SER A 75 2.71 -4.99 4.63
C SER A 75 1.51 -4.44 3.86
N SER A 76 0.67 -5.34 3.36
CA SER A 76 -0.43 -5.02 2.43
C SER A 76 -1.72 -5.70 2.92
N PRO A 77 -2.88 -5.25 2.39
CA PRO A 77 -4.14 -5.89 2.78
C PRO A 77 -4.12 -7.41 2.62
N CYS A 78 -4.67 -8.13 3.60
CA CYS A 78 -4.77 -9.58 3.53
C CYS A 78 -5.89 -9.99 2.57
N THR A 79 -5.56 -10.78 1.57
CA THR A 79 -6.58 -11.30 0.66
C THR A 79 -7.28 -12.51 1.32
N LEU A 80 -8.58 -12.35 1.55
CA LEU A 80 -9.39 -13.36 2.25
C LEU A 80 -10.21 -14.21 1.28
N TYR A 81 -10.60 -13.63 0.15
CA TYR A 81 -11.49 -14.29 -0.80
C TYR A 81 -10.92 -14.38 -2.21
N PRO A 82 -11.06 -15.56 -2.86
CA PRO A 82 -11.82 -16.75 -2.44
C PRO A 82 -11.24 -17.49 -1.22
N GLU A 83 -9.93 -17.35 -1.03
CA GLU A 83 -9.21 -17.97 0.07
C GLU A 83 -7.94 -17.15 0.29
N ILE A 84 -7.24 -17.37 1.39
CA ILE A 84 -5.95 -16.72 1.57
C ILE A 84 -4.99 -17.31 0.53
N PRO A 85 -4.38 -16.46 -0.32
CA PRO A 85 -3.52 -17.02 -1.35
C PRO A 85 -2.24 -17.59 -0.74
N SER A 86 -1.66 -18.60 -1.39
CA SER A 86 -0.42 -19.20 -0.94
C SER A 86 0.70 -18.15 -0.86
N SER A 87 0.61 -17.12 -1.71
CA SER A 87 1.62 -16.05 -1.75
C SER A 87 1.67 -15.17 -0.47
N GLN A 88 0.60 -15.19 0.32
CA GLN A 88 0.57 -14.49 1.61
C GLN A 88 0.73 -15.43 2.81
N ARG A 89 1.18 -16.64 2.51
CA ARG A 89 1.37 -17.66 3.53
C ARG A 89 2.82 -18.09 3.58
N TRP A 90 3.27 -18.41 4.80
CA TRP A 90 4.68 -18.63 5.08
C TRP A 90 4.84 -19.84 5.97
N ARG A 91 5.91 -20.60 5.75
CA ARG A 91 6.24 -21.71 6.62
C ARG A 91 7.61 -21.51 7.20
N GLN A 92 7.92 -22.23 8.28
CA GLN A 92 9.24 -22.17 8.85
C GLN A 92 10.16 -23.22 8.22
N GLY A 93 11.39 -22.83 7.93
CA GLY A 93 12.35 -23.78 7.39
C GLY A 93 13.32 -24.25 8.45
N ARG A 94 14.60 -24.21 8.13
CA ARG A 94 15.65 -24.74 8.98
C ARG A 94 15.77 -23.83 10.21
N ARG A 95 16.30 -24.37 11.29
CA ARG A 95 16.36 -23.63 12.53
C ARG A 95 17.79 -23.44 13.03
N LYS A 96 17.99 -22.34 13.75
CA LYS A 96 19.24 -22.05 14.44
C LYS A 96 18.86 -21.52 15.81
N THR A 97 19.49 -22.05 16.86
CA THR A 97 19.26 -21.54 18.21
C THR A 97 20.50 -20.79 18.67
N PHE A 98 20.30 -19.81 19.55
CA PHE A 98 21.41 -19.05 20.11
C PHE A 98 21.01 -18.41 21.42
N THR A 99 22.02 -18.03 22.23
CA THR A 99 21.76 -17.32 23.48
C THR A 99 22.10 -15.85 23.25
N ASP A 100 21.12 -14.96 23.47
CA ASP A 100 21.35 -13.55 23.17
C ASP A 100 22.13 -12.86 24.28
N ASN A 101 22.43 -11.58 24.09
CA ASN A 101 23.25 -10.83 25.06
C ASN A 101 22.61 -10.69 26.41
N GLY A 102 21.28 -10.84 26.44
CA GLY A 102 20.50 -10.83 27.69
C GLY A 102 20.45 -12.19 28.35
N GLY A 103 21.10 -13.18 27.74
CA GLY A 103 21.14 -14.52 28.28
C GLY A 103 19.92 -15.39 27.97
N ILE A 104 19.10 -14.98 27.02
CA ILE A 104 17.88 -15.71 26.66
C ILE A 104 18.10 -16.59 25.45
N GLU A 105 17.63 -17.83 25.54
CA GLU A 105 17.65 -18.76 24.41
C GLU A 105 16.64 -18.28 23.37
N GLN A 106 17.11 -18.07 22.14
CA GLN A 106 16.21 -17.67 21.05
C GLN A 106 16.20 -18.77 20.00
N VAL A 107 15.15 -18.83 19.19
CA VAL A 107 15.03 -19.80 18.10
C VAL A 107 14.74 -19.06 16.81
N ALA A 108 15.68 -19.09 15.88
CA ALA A 108 15.50 -18.46 14.58
C ALA A 108 15.24 -19.53 13.53
N THR A 109 14.47 -19.18 12.51
CA THR A 109 14.23 -20.10 11.41
C THR A 109 14.23 -19.32 10.11
N GLU A 110 14.41 -20.04 9.01
CA GLU A 110 13.98 -19.49 7.71
C GLU A 110 12.49 -19.25 7.74
N ILE A 111 12.06 -18.26 7.00
CA ILE A 111 10.65 -17.97 6.81
C ILE A 111 10.43 -18.01 5.30
N ILE A 112 9.70 -19.05 4.87
CA ILE A 112 9.64 -19.41 3.45
C ILE A 112 8.24 -19.23 2.88
N ASN A 113 8.15 -18.46 1.80
CA ASN A 113 6.89 -18.22 1.12
C ASN A 113 6.29 -19.48 0.49
N LEU A 114 4.99 -19.69 0.71
CA LEU A 114 4.33 -20.94 0.29
C LEU A 114 4.18 -21.06 -1.23
N ALA A 115 3.94 -19.92 -1.89
CA ALA A 115 3.78 -19.87 -3.35
C ALA A 115 5.10 -20.11 -4.08
N SER A 116 6.13 -19.33 -3.73
CA SER A 116 7.39 -19.31 -4.47
C SER A 116 8.47 -20.23 -3.92
N GLY A 117 8.36 -20.62 -2.65
CA GLY A 117 9.45 -21.37 -2.00
C GLY A 117 10.66 -20.49 -1.74
N LYS A 118 10.49 -19.17 -1.85
CA LYS A 118 11.61 -18.25 -1.59
C LYS A 118 11.67 -17.84 -0.12
N CYS A 119 12.87 -17.53 0.36
CA CYS A 119 13.08 -17.13 1.74
C CYS A 119 12.88 -15.64 1.93
N LEU A 120 12.20 -15.27 3.02
CA LEU A 120 12.27 -13.91 3.51
C LEU A 120 13.75 -13.53 3.66
N ASP A 121 14.11 -12.37 3.14
CA ASP A 121 15.50 -12.05 2.95
C ASP A 121 15.80 -10.60 3.24
N ILE A 122 17.00 -10.33 3.74
CA ILE A 122 17.49 -8.95 3.87
C ILE A 122 18.54 -8.76 2.75
N GLU A 123 18.48 -7.61 2.08
CA GLU A 123 19.45 -7.29 1.00
C GLU A 123 20.88 -7.42 1.52
N GLY A 124 21.75 -7.98 0.70
CA GLY A 124 23.14 -8.21 1.10
C GLY A 124 23.26 -9.32 2.11
N SER A 125 24.28 -9.25 2.96
CA SER A 125 24.60 -10.32 3.88
C SER A 125 24.78 -9.81 5.33
N ASP A 126 24.65 -8.50 5.55
CA ASP A 126 24.96 -7.93 6.87
C ASP A 126 23.75 -7.83 7.82
N GLY A 127 22.58 -8.26 7.34
CA GLY A 127 21.39 -8.25 8.18
C GLY A 127 20.78 -6.87 8.37
N THR A 128 21.18 -5.90 7.56
CA THR A 128 20.50 -4.60 7.57
C THR A 128 20.14 -4.21 6.14
N GLY A 129 18.97 -3.59 5.99
CA GLY A 129 18.52 -3.07 4.70
C GLY A 129 17.14 -3.55 4.30
N ASP A 130 16.82 -3.40 3.02
CA ASP A 130 15.48 -3.72 2.51
C ASP A 130 15.19 -5.20 2.65
N ILE A 131 13.91 -5.50 2.84
CA ILE A 131 13.45 -6.88 2.98
C ILE A 131 12.55 -7.28 1.81
N GLY A 132 12.93 -8.37 1.15
CA GLY A 132 12.10 -9.02 0.15
C GLY A 132 12.13 -10.52 0.31
N VAL A 133 11.89 -11.22 -0.80
CA VAL A 133 12.06 -12.66 -0.87
C VAL A 133 13.13 -12.96 -1.91
N TYR A 134 13.93 -13.98 -1.63
CA TYR A 134 15.08 -14.33 -2.46
C TYR A 134 15.27 -15.83 -2.37
N ASP A 135 16.03 -16.37 -3.33
CA ASP A 135 16.48 -17.76 -3.27
C ASP A 135 16.99 -18.02 -1.86
N CYS A 136 16.59 -19.12 -1.25
CA CYS A 136 17.12 -19.50 0.05
C CYS A 136 18.60 -19.85 -0.10
N GLN A 137 19.49 -19.07 0.49
CA GLN A 137 20.91 -19.38 0.33
C GLN A 137 21.73 -19.50 1.59
N ASN A 138 21.04 -19.87 2.67
CA ASN A 138 21.66 -20.42 3.87
C ASN A 138 22.37 -19.39 4.73
N LEU A 139 22.38 -18.12 4.32
CA LEU A 139 23.11 -17.11 5.10
C LEU A 139 22.32 -16.72 6.33
N ASP A 140 23.04 -16.28 7.37
CA ASP A 140 22.44 -15.98 8.67
C ASP A 140 21.34 -14.94 8.57
N ASP A 141 21.45 -14.04 7.59
CA ASP A 141 20.44 -12.98 7.45
C ASP A 141 19.11 -13.47 6.85
N GLN A 142 19.01 -14.76 6.53
CA GLN A 142 17.73 -15.37 6.13
C GLN A 142 17.08 -16.13 7.28
N TYR A 143 17.61 -15.94 8.50
CA TYR A 143 17.03 -16.55 9.71
C TYR A 143 16.43 -15.46 10.59
N PHE A 144 15.22 -15.69 11.12
CA PHE A 144 14.48 -14.69 11.90
C PHE A 144 13.94 -15.32 13.16
N TYR A 145 13.94 -14.58 14.26
CA TYR A 145 13.34 -15.06 15.52
C TYR A 145 12.33 -14.06 16.07
N VAL A 146 11.31 -14.57 16.74
CA VAL A 146 10.43 -13.73 17.55
C VAL A 146 11.09 -13.60 18.93
N ARG A 147 11.45 -12.36 19.29
CA ARG A 147 12.28 -12.14 20.47
C ARG A 147 11.52 -12.53 21.73
N SER A 148 12.17 -13.35 22.55
CA SER A 148 11.65 -13.65 23.87
C SER A 148 12.43 -12.83 24.90
N ARG A 149 11.75 -12.32 25.93
CA ARG A 149 12.46 -11.57 27.00
C ARG A 149 12.85 -12.55 28.11
N GLY A 150 12.50 -13.83 27.91
CA GLY A 150 12.49 -14.81 28.98
C GLY A 150 11.33 -14.56 29.92
N PRO A 151 11.25 -15.35 31.00
CA PRO A 151 10.14 -15.18 31.94
C PRO A 151 10.06 -13.77 32.54
N GLU A 152 8.85 -13.33 32.82
CA GLU A 152 8.63 -12.20 33.70
C GLU A 152 8.92 -12.66 35.12
N LEU A 153 9.84 -11.98 35.77
CA LEU A 153 10.29 -12.38 37.10
C LEU A 153 9.46 -11.74 38.19
N PHE A 154 9.21 -10.43 38.03
CA PHE A 154 8.50 -9.65 39.01
C PHE A 154 7.81 -8.47 38.32
N TYR A 155 6.90 -7.85 39.04
CA TYR A 155 6.15 -6.73 38.52
C TYR A 155 5.49 -5.93 39.65
N GLY A 156 5.09 -4.70 39.32
CA GLY A 156 4.34 -3.88 40.27
C GLY A 156 4.95 -2.48 40.32
N ARG A 157 4.51 -1.70 41.30
CA ARG A 157 5.21 -0.47 41.66
C ARG A 157 6.43 -0.86 42.50
N LEU A 158 7.37 0.06 42.65
CA LEU A 158 8.60 -0.21 43.39
C LEU A 158 8.68 0.76 44.56
N ARG A 159 8.43 0.25 45.77
CA ARG A 159 8.38 1.09 46.97
C ARG A 159 9.76 1.11 47.65
N ASN A 160 10.28 2.32 47.90
CA ASN A 160 11.57 2.50 48.55
C ASN A 160 11.54 2.14 50.04
N GLU A 161 12.52 1.36 50.50
CA GLU A 161 12.58 0.93 51.91
C GLU A 161 12.73 2.11 52.89
N LYS A 162 13.54 3.09 52.49
CA LYS A 162 13.80 4.23 53.37
C LYS A 162 12.55 5.13 53.49
N SER A 163 12.00 5.52 52.34
CA SER A 163 11.02 6.64 52.30
C SER A 163 9.57 6.22 52.09
N ASP A 164 9.37 4.97 51.65
CA ASP A 164 8.05 4.48 51.22
C ASP A 164 7.47 5.21 50.02
N LEU A 165 8.25 6.07 49.38
CA LEU A 165 7.83 6.64 48.09
C LEU A 165 8.00 5.60 46.98
N CYS A 166 7.38 5.84 45.83
CA CYS A 166 7.50 4.95 44.67
C CYS A 166 8.48 5.45 43.59
N LEU A 167 9.14 4.50 42.93
CA LEU A 167 9.93 4.80 41.76
C LEU A 167 8.94 5.39 40.74
N ASP A 168 9.25 6.59 40.28
CA ASP A 168 8.31 7.41 39.50
C ASP A 168 8.96 7.88 38.22
N VAL A 169 8.15 8.14 37.18
CA VAL A 169 8.63 8.77 35.98
C VAL A 169 7.95 10.14 35.95
N GLU A 170 8.72 11.18 35.66
CA GLU A 170 8.16 12.54 35.64
C GLU A 170 6.94 12.62 34.71
N GLY A 171 5.94 13.39 35.13
CA GLY A 171 4.67 13.44 34.38
C GLY A 171 3.88 12.15 34.51
N SER A 172 3.15 11.77 33.45
CA SER A 172 2.31 10.57 33.51
C SER A 172 2.35 9.71 32.26
N ASP A 173 3.23 10.04 31.31
CA ASP A 173 3.30 9.32 30.03
C ASP A 173 4.33 8.18 30.03
N GLY A 174 5.04 8.05 31.15
CA GLY A 174 6.02 6.98 31.27
C GLY A 174 7.30 7.29 30.50
N LYS A 175 7.50 8.55 30.15
CA LYS A 175 8.69 8.95 29.41
C LYS A 175 9.47 9.98 30.22
N GLY A 176 10.79 9.86 30.22
CA GLY A 176 11.64 10.92 30.80
C GLY A 176 12.33 10.52 32.09
N ASN A 177 12.60 11.54 32.92
CA ASN A 177 13.42 11.32 34.10
C ASN A 177 12.75 10.44 35.13
N VAL A 178 13.56 9.63 35.81
CA VAL A 178 13.06 8.77 36.88
C VAL A 178 13.50 9.35 38.21
N LEU A 179 12.58 9.40 39.17
CA LEU A 179 12.79 10.05 40.46
C LEU A 179 11.84 9.43 41.48
N MET A 180 11.99 9.78 42.75
CA MET A 180 11.09 9.26 43.77
C MET A 180 9.88 10.17 43.89
N TYR A 181 8.71 9.58 44.10
CA TYR A 181 7.49 10.40 44.28
C TYR A 181 6.43 9.63 45.04
N SER A 182 5.43 10.35 45.55
CA SER A 182 4.30 9.66 46.16
C SER A 182 3.78 8.59 45.23
N CYS A 183 3.42 7.43 45.78
CA CYS A 183 2.83 6.36 45.00
C CYS A 183 1.47 6.80 44.50
N GLU A 184 1.25 6.60 43.20
CA GLU A 184 0.02 7.02 42.53
C GLU A 184 -0.59 5.89 41.71
N ASP A 185 -1.91 5.96 41.50
CA ASP A 185 -2.65 4.96 40.74
C ASP A 185 -2.57 5.29 39.24
N ASN A 186 -1.37 5.62 38.78
CA ASN A 186 -1.05 5.85 37.38
C ASN A 186 -0.15 4.72 36.92
N LEU A 187 -0.28 4.34 35.66
CA LEU A 187 0.49 3.22 35.09
C LEU A 187 1.96 3.52 34.89
N ASP A 188 2.36 4.79 34.94
CA ASP A 188 3.75 5.15 34.74
C ASP A 188 4.60 4.68 35.90
N GLN A 189 3.98 4.29 37.01
CA GLN A 189 4.74 3.78 38.16
C GLN A 189 4.84 2.24 38.18
N TRP A 190 4.19 1.60 37.23
CA TRP A 190 4.18 0.12 37.16
C TRP A 190 5.28 -0.36 36.23
N PHE A 191 6.07 -1.31 36.70
CA PHE A 191 7.16 -1.87 35.90
C PHE A 191 7.04 -3.39 35.89
N ARG A 192 7.62 -3.99 34.85
CA ARG A 192 7.70 -5.46 34.70
C ARG A 192 9.16 -5.81 34.43
N TYR A 193 9.67 -6.78 35.20
CA TYR A 193 11.09 -7.11 35.22
C TYR A 193 11.30 -8.53 34.70
N TYR A 194 12.18 -8.64 33.71
CA TYR A 194 12.33 -9.87 32.92
C TYR A 194 13.66 -10.53 33.14
N GLU A 195 13.71 -11.81 32.81
CA GLU A 195 14.95 -12.60 32.86
C GLU A 195 16.10 -12.01 32.00
N ASN A 196 15.77 -11.32 30.91
CA ASN A 196 16.79 -10.70 30.04
C ASN A 196 17.41 -9.46 30.70
N GLY A 197 16.83 -9.07 31.85
CA GLY A 197 17.36 -7.94 32.62
C GLY A 197 16.59 -6.64 32.43
N GLU A 198 15.73 -6.59 31.42
CA GLU A 198 14.94 -5.36 31.21
C GLU A 198 13.93 -5.09 32.31
N ILE A 199 13.79 -3.81 32.67
CA ILE A 199 12.72 -3.36 33.57
C ILE A 199 11.91 -2.39 32.69
N VAL A 200 10.69 -2.80 32.36
CA VAL A 200 9.91 -2.15 31.31
C VAL A 200 8.73 -1.41 31.91
N ASN A 201 8.55 -0.17 31.49
CA ASN A 201 7.50 0.68 32.06
C ASN A 201 6.15 0.34 31.44
N ALA A 202 5.10 0.16 32.26
CA ALA A 202 3.81 -0.30 31.76
C ALA A 202 3.12 0.76 30.89
N LYS A 203 3.33 2.03 31.22
CA LYS A 203 2.66 3.13 30.51
C LYS A 203 3.28 3.33 29.12
N SER A 204 4.60 3.44 29.04
CA SER A 204 5.31 3.73 27.77
C SER A 204 5.83 2.50 26.99
N GLY A 205 5.99 1.39 27.70
CA GLY A 205 6.60 0.19 27.15
C GLY A 205 8.09 0.36 26.91
N MET A 206 8.70 1.38 27.53
CA MET A 206 10.13 1.65 27.36
C MET A 206 10.91 1.20 28.61
N CYS A 207 12.24 1.30 28.53
CA CYS A 207 13.11 0.62 29.50
C CYS A 207 13.71 1.56 30.53
N LEU A 208 13.87 1.05 31.75
CA LEU A 208 14.67 1.75 32.77
C LEU A 208 16.12 1.78 32.28
N ASP A 209 16.64 2.99 32.15
CA ASP A 209 17.85 3.26 31.38
C ASP A 209 18.79 4.15 32.18
N VAL A 210 20.10 4.00 31.97
CA VAL A 210 21.07 4.97 32.48
C VAL A 210 21.56 5.84 31.33
N GLU A 211 21.72 7.14 31.57
CA GLU A 211 22.23 8.07 30.54
C GLU A 211 23.52 7.52 29.96
N GLY A 212 23.69 7.66 28.64
CA GLY A 212 24.91 7.15 28.01
C GLY A 212 24.94 5.64 27.88
N SER A 213 26.15 5.04 27.92
CA SER A 213 26.29 3.58 27.75
C SER A 213 27.01 2.87 28.90
N ASP A 214 27.66 3.62 29.79
CA ASP A 214 28.56 2.99 30.75
C ASP A 214 27.90 2.54 32.06
N GLY A 215 26.61 2.85 32.21
CA GLY A 215 25.84 2.39 33.40
C GLY A 215 26.04 3.28 34.62
N SER A 216 26.71 4.40 34.44
CA SER A 216 26.94 5.36 35.54
C SER A 216 26.28 6.71 35.26
N GLY A 217 25.30 7.08 36.09
CA GLY A 217 24.68 8.39 35.95
C GLY A 217 23.18 8.38 36.11
N ASN A 218 22.53 9.35 35.49
CA ASN A 218 21.15 9.61 35.77
C ASN A 218 20.25 8.54 35.14
N VAL A 219 19.23 8.13 35.87
CA VAL A 219 18.34 7.09 35.39
C VAL A 219 17.05 7.75 34.90
N GLY A 220 16.56 7.26 33.77
CA GLY A 220 15.28 7.71 33.19
C GLY A 220 14.67 6.55 32.42
N ILE A 221 13.64 6.85 31.65
CA ILE A 221 13.03 5.86 30.77
C ILE A 221 13.38 6.20 29.33
N TYR A 222 13.87 5.22 28.59
CA TYR A 222 14.32 5.40 27.23
C TYR A 222 14.00 4.21 26.37
N ARG A 223 14.07 4.40 25.06
CA ARG A 223 13.82 3.33 24.11
C ARG A 223 14.65 2.12 24.51
N CYS A 224 14.02 0.95 24.57
CA CYS A 224 14.76 -0.29 24.86
C CYS A 224 15.74 -0.56 23.71
N ASP A 225 17.03 -0.65 24.03
CA ASP A 225 18.07 -0.68 22.99
C ASP A 225 19.00 -1.91 23.06
N ASP A 226 18.67 -2.85 23.96
CA ASP A 226 19.34 -4.16 24.08
C ASP A 226 20.73 -4.08 24.71
N LEU A 227 21.10 -2.89 25.16
CA LEU A 227 22.44 -2.68 25.72
C LEU A 227 22.51 -3.08 27.19
N ARG A 228 23.73 -3.34 27.64
CA ARG A 228 23.95 -3.89 28.95
C ARG A 228 23.57 -2.91 30.08
N ASP A 229 23.63 -1.60 29.81
CA ASP A 229 23.24 -0.61 30.82
C ASP A 229 21.72 -0.55 31.02
N GLN A 230 20.94 -1.27 30.20
CA GLN A 230 19.51 -1.42 30.44
C GLN A 230 19.16 -2.79 31.04
N MET A 231 20.20 -3.54 31.44
CA MET A 231 20.04 -4.83 32.11
C MET A 231 20.32 -4.67 33.58
N TRP A 232 19.45 -5.26 34.40
CA TRP A 232 19.50 -5.10 35.85
C TRP A 232 19.42 -6.49 36.51
N SER A 233 20.23 -6.69 37.55
CA SER A 233 20.12 -7.91 38.35
C SER A 233 19.51 -7.55 39.71
N ARG A 234 18.96 -8.55 40.37
CA ARG A 234 18.31 -8.37 41.67
C ARG A 234 18.80 -9.50 42.59
N PRO A 235 20.09 -9.42 43.00
CA PRO A 235 20.70 -10.56 43.68
C PRO A 235 20.17 -10.73 45.10
N ASN A 236 19.92 -11.99 45.47
CA ASN A 236 19.51 -12.30 46.84
C ASN A 236 20.38 -11.63 47.91
N ALA A 237 21.67 -11.53 47.63
CA ALA A 237 22.61 -10.99 48.63
C ALA A 237 22.28 -9.58 49.07
N TYR A 238 21.63 -8.82 48.19
CA TYR A 238 21.38 -7.40 48.44
C TYR A 238 19.97 -7.13 48.95
N CYS A 239 19.22 -8.21 49.22
CA CYS A 239 17.84 -8.11 49.71
C CYS A 239 17.80 -8.01 51.21
N ASN A 240 16.71 -7.42 51.71
CA ASN A 240 16.33 -7.39 53.10
C ASN A 240 14.85 -7.76 53.08
N GLY A 241 14.54 -9.04 53.23
CA GLY A 241 13.16 -9.51 53.11
C GLY A 241 12.69 -9.31 51.68
N ASP A 242 11.61 -8.55 51.51
CA ASP A 242 11.09 -8.31 50.18
C ASP A 242 11.63 -7.01 49.55
N TYR A 243 12.52 -6.31 50.26
CA TYR A 243 13.17 -5.10 49.70
C TYR A 243 14.53 -5.50 49.13
N CYS A 244 14.74 -5.25 47.83
CA CYS A 244 15.98 -5.66 47.16
C CYS A 244 16.61 -4.52 46.37
N SER A 245 17.92 -4.60 46.18
CA SER A 245 18.66 -3.67 45.32
C SER A 245 18.62 -4.13 43.87
N PHE A 246 18.75 -3.19 42.94
CA PHE A 246 18.90 -3.53 41.53
C PHE A 246 20.27 -3.04 41.11
N LEU A 247 21.09 -3.97 40.61
CA LEU A 247 22.44 -3.66 40.17
C LEU A 247 22.49 -3.62 38.67
N ASN A 248 23.10 -2.56 38.14
CA ASN A 248 23.21 -2.39 36.71
C ASN A 248 24.26 -3.35 36.17
N LYS A 249 23.95 -4.11 35.11
CA LYS A 249 24.90 -5.09 34.55
C LYS A 249 26.14 -4.48 33.91
N GLU A 250 26.02 -3.28 33.34
CA GLU A 250 27.19 -2.64 32.73
C GLU A 250 28.18 -2.11 33.76
N SER A 251 27.68 -1.40 34.77
CA SER A 251 28.54 -0.72 35.74
C SER A 251 28.67 -1.43 37.09
N ASN A 252 27.80 -2.39 37.35
CA ASN A 252 27.70 -3.03 38.67
C ASN A 252 27.32 -2.05 39.78
N LYS A 253 26.78 -0.90 39.38
CA LYS A 253 26.32 0.09 40.34
C LYS A 253 24.85 -0.12 40.69
N CYS A 254 24.47 0.30 41.89
CA CYS A 254 23.10 0.13 42.36
C CYS A 254 22.18 1.24 41.84
N LEU A 255 20.96 0.88 41.48
CA LEU A 255 19.89 1.85 41.39
C LEU A 255 19.81 2.61 42.72
N ASP A 256 19.90 3.94 42.64
CA ASP A 256 20.17 4.79 43.81
C ASP A 256 19.28 6.04 43.86
N VAL A 257 18.93 6.47 45.06
CA VAL A 257 18.28 7.76 45.24
C VAL A 257 19.35 8.68 45.80
N SER A 258 19.41 9.90 45.27
CA SER A 258 20.35 10.90 45.72
C SER A 258 20.30 11.04 47.27
N GLY A 259 21.47 11.14 47.90
CA GLY A 259 21.52 11.27 49.38
C GLY A 259 21.07 10.00 50.06
N ASP A 260 20.39 10.12 51.20
CA ASP A 260 20.05 8.94 51.97
C ASP A 260 18.63 8.95 52.50
N GLN A 261 17.82 9.94 52.09
CA GLN A 261 16.47 10.06 52.64
C GLN A 261 15.41 9.37 51.78
N GLY A 262 15.82 8.93 50.59
CA GLY A 262 14.91 8.21 49.71
C GLY A 262 13.90 9.10 49.01
N THR A 263 14.19 10.40 48.92
CA THR A 263 13.19 11.32 48.42
C THR A 263 13.49 12.04 47.11
N GLY A 264 14.75 12.01 46.66
CA GLY A 264 15.17 12.83 45.52
C GLY A 264 15.26 12.10 44.19
N ASP A 265 16.15 12.59 43.35
CA ASP A 265 16.37 12.08 42.00
C ASP A 265 17.01 10.70 42.04
N VAL A 266 16.77 9.93 40.98
CA VAL A 266 17.25 8.54 40.90
C VAL A 266 18.33 8.40 39.82
N GLY A 267 19.42 7.72 40.18
CA GLY A 267 20.50 7.43 39.22
C GLY A 267 21.14 6.11 39.56
N THR A 268 22.35 5.87 39.05
CA THR A 268 23.14 4.75 39.59
C THR A 268 24.32 5.26 40.39
N TRP A 269 24.69 4.48 41.40
CA TRP A 269 25.78 4.85 42.30
C TRP A 269 26.36 3.60 42.91
N GLN A 270 27.63 3.70 43.32
CA GLN A 270 28.25 2.68 44.13
C GLN A 270 27.23 2.14 45.15
N CYS A 271 27.09 0.82 45.20
CA CYS A 271 26.22 0.24 46.21
C CYS A 271 26.78 0.57 47.58
N ASP A 272 25.88 0.88 48.51
CA ASP A 272 26.31 1.23 49.86
C ASP A 272 25.53 0.59 51.00
N GLY A 273 24.57 -0.27 50.64
CA GLY A 273 23.85 -1.08 51.61
C GLY A 273 22.78 -0.32 52.37
N LEU A 274 22.59 0.95 52.06
CA LEU A 274 21.62 1.80 52.76
C LEU A 274 20.19 1.51 52.27
N PRO A 275 19.17 1.68 53.15
CA PRO A 275 17.78 1.35 52.78
C PRO A 275 17.23 2.09 51.57
N ASP A 276 17.76 3.29 51.26
CA ASP A 276 17.28 4.01 50.07
C ASP A 276 17.70 3.32 48.76
N GLN A 277 18.60 2.33 48.84
CA GLN A 277 18.96 1.52 47.66
C GLN A 277 18.22 0.18 47.58
N ARG A 278 17.16 0.00 48.35
CA ARG A 278 16.31 -1.20 48.25
C ARG A 278 14.83 -0.84 47.98
N PHE A 279 14.14 -1.66 47.20
CA PHE A 279 12.77 -1.40 46.75
C PHE A 279 12.01 -2.72 46.80
N LYS A 280 10.74 -2.64 47.15
CA LYS A 280 9.84 -3.81 47.17
C LYS A 280 8.82 -3.72 46.02
N TRP A 281 8.53 -4.84 45.38
CA TRP A 281 7.42 -4.89 44.43
C TRP A 281 6.07 -4.83 45.11
N VAL A 282 5.24 -3.87 44.67
CA VAL A 282 3.90 -3.68 45.25
C VAL A 282 2.86 -4.00 44.18
N PHE A 283 2.10 -5.06 44.43
CA PHE A 283 1.11 -5.55 43.46
C PHE A 283 0.06 -6.35 44.24
N ASP A 284 -1.06 -6.63 43.58
CA ASP A 284 -2.14 -7.40 44.17
C ASP A 284 -2.00 -8.82 43.70
N ASP A 285 -2.29 -9.75 44.61
CA ASP A 285 -2.30 -11.17 44.31
C ASP A 285 -3.49 -11.58 43.44
N TRP A 286 -3.19 -12.20 42.30
CA TRP A 286 -4.20 -12.86 41.46
C TRP A 286 -3.80 -14.31 41.25
N GLU A 287 -4.78 -15.21 41.25
CA GLU A 287 -4.50 -16.61 41.11
C GLU A 287 -3.93 -16.91 39.72
N VAL A 288 -3.07 -17.92 39.65
CA VAL A 288 -2.53 -18.37 38.37
C VAL A 288 -3.69 -18.66 37.42
N PRO A 289 -3.73 -17.96 36.27
CA PRO A 289 -4.86 -18.12 35.34
C PRO A 289 -4.89 -19.49 34.69
N THR A 290 -6.10 -19.95 34.40
CA THR A 290 -6.30 -21.23 33.76
C THR A 290 -6.97 -21.03 32.43
N ALA A 291 -6.51 -21.78 31.45
CA ALA A 291 -7.03 -21.73 30.07
C ALA A 291 -7.87 -22.97 29.78
N THR A 292 -9.05 -22.76 29.18
CA THR A 292 -9.91 -23.86 28.75
C THR A 292 -10.55 -23.44 27.40
N TRP A 293 -11.24 -24.36 26.76
CA TRP A 293 -11.92 -24.12 25.49
C TRP A 293 -13.40 -24.38 25.65
N ASN A 294 -14.21 -23.46 25.15
CA ASN A 294 -15.67 -23.59 25.14
C ASN A 294 -16.18 -23.83 23.73
N MET A 295 -17.08 -24.80 23.58
CA MET A 295 -17.69 -25.09 22.29
C MET A 295 -18.58 -23.91 21.89
N VAL A 296 -18.38 -23.40 20.67
CA VAL A 296 -19.20 -22.29 20.12
C VAL A 296 -20.32 -22.82 19.20
N GLY A 297 -19.99 -23.87 18.47
CA GLY A 297 -20.96 -24.56 17.61
C GLY A 297 -20.31 -25.74 16.89
N CYS A 298 -21.12 -26.69 16.45
CA CYS A 298 -20.61 -27.81 15.66
C CYS A 298 -21.46 -28.00 14.41
N ASP A 299 -20.87 -28.66 13.42
CA ASP A 299 -21.61 -29.02 12.21
C ASP A 299 -21.07 -30.37 11.74
N GLN A 300 -21.91 -31.41 11.79
CA GLN A 300 -21.40 -32.73 11.43
C GLN A 300 -21.31 -32.95 9.93
N ASN A 301 -21.79 -32.01 9.13
CA ASN A 301 -21.78 -32.19 7.69
C ASN A 301 -21.50 -30.91 6.91
N GLY A 302 -20.79 -29.97 7.52
CA GLY A 302 -20.31 -28.80 6.82
C GLY A 302 -19.40 -27.96 7.69
N LYS A 303 -19.15 -26.75 7.23
CA LYS A 303 -18.36 -25.77 7.98
C LYS A 303 -19.20 -25.16 9.09
N VAL A 304 -18.55 -24.64 10.13
CA VAL A 304 -19.28 -23.92 11.14
C VAL A 304 -18.94 -22.44 11.12
N SER A 305 -19.98 -21.63 11.30
CA SER A 305 -19.89 -20.18 11.22
C SER A 305 -20.60 -19.57 12.41
N GLN A 306 -19.97 -18.58 13.04
CA GLN A 306 -20.49 -18.02 14.28
C GLN A 306 -20.03 -16.59 14.47
N GLN A 307 -20.82 -15.81 15.21
CA GLN A 307 -20.35 -14.52 15.70
C GLN A 307 -19.44 -14.77 16.91
N ILE A 308 -18.24 -14.19 16.86
CA ILE A 308 -17.25 -14.33 17.92
C ILE A 308 -17.00 -12.97 18.53
N SER A 309 -17.21 -12.83 19.84
CA SER A 309 -16.94 -11.58 20.53
C SER A 309 -15.79 -11.74 21.53
N ASN A 310 -15.08 -10.65 21.79
CA ASN A 310 -14.21 -10.56 22.95
C ASN A 310 -15.07 -10.13 24.14
N THR A 311 -15.18 -10.98 25.15
CA THR A 311 -15.95 -10.60 26.34
C THR A 311 -15.17 -10.76 27.63
N ILE A 312 -15.46 -9.89 28.60
CA ILE A 312 -14.85 -10.02 29.92
C ILE A 312 -15.91 -9.88 30.99
N SER A 313 -15.84 -10.74 32.00
CA SER A 313 -16.75 -10.63 33.12
C SER A 313 -15.99 -10.48 34.44
N PHE A 314 -16.47 -9.58 35.27
CA PHE A 314 -15.83 -9.29 36.54
C PHE A 314 -16.83 -8.59 37.46
N SER A 315 -16.58 -8.57 38.76
CA SER A 315 -17.52 -7.95 39.72
C SER A 315 -17.48 -6.42 39.72
N SER A 316 -16.42 -5.86 39.17
CA SER A 316 -16.29 -4.41 39.03
C SER A 316 -15.65 -4.03 37.71
N THR A 317 -15.41 -2.74 37.50
CA THR A 317 -14.89 -2.26 36.22
C THR A 317 -13.48 -2.79 35.99
N VAL A 318 -13.21 -3.23 34.77
CA VAL A 318 -11.83 -3.61 34.41
C VAL A 318 -11.07 -2.32 34.06
N THR A 319 -10.59 -1.64 35.08
CA THR A 319 -9.88 -0.37 34.91
C THR A 319 -8.49 -0.63 34.32
N ALA A 320 -7.76 0.44 33.96
CA ALA A 320 -6.37 0.28 33.51
C ALA A 320 -5.52 -0.41 34.58
N GLY A 321 -5.81 -0.11 35.85
CA GLY A 321 -5.17 -0.74 37.00
C GLY A 321 -5.39 -2.24 37.05
N VAL A 322 -6.65 -2.66 36.96
CA VAL A 322 -6.99 -4.09 36.93
C VAL A 322 -6.32 -4.78 35.73
N ALA A 323 -6.39 -4.12 34.59
CA ALA A 323 -5.85 -4.69 33.36
C ALA A 323 -4.34 -4.91 33.49
N VAL A 324 -3.63 -3.98 34.14
CA VAL A 324 -2.15 -4.17 34.27
C VAL A 324 -1.81 -5.31 35.22
N GLU A 325 -2.61 -5.46 36.29
CA GLU A 325 -2.47 -6.55 37.25
C GLU A 325 -2.66 -7.87 36.52
N VAL A 326 -3.73 -7.94 35.72
CA VAL A 326 -4.07 -9.16 35.00
C VAL A 326 -3.01 -9.50 33.95
N SER A 327 -2.59 -8.51 33.17
CA SER A 327 -1.55 -8.75 32.15
C SER A 327 -0.28 -9.33 32.77
N SER A 328 0.15 -8.70 33.84
CA SER A 328 1.39 -9.11 34.55
C SER A 328 1.22 -10.47 35.18
N THR A 329 0.03 -10.76 35.70
CA THR A 329 -0.27 -12.09 36.25
C THR A 329 -0.19 -13.19 35.16
N ILE A 330 -0.80 -12.94 34.02
CA ILE A 330 -0.79 -13.89 32.89
C ILE A 330 0.64 -14.14 32.46
N GLU A 331 1.43 -13.08 32.35
CA GLU A 331 2.79 -13.26 31.84
C GLU A 331 3.64 -14.18 32.73
N LYS A 332 3.39 -14.14 34.04
CA LYS A 332 4.10 -14.92 35.04
C LYS A 332 3.86 -16.43 34.88
N GLY A 333 2.69 -16.81 34.39
CA GLY A 333 2.41 -18.23 34.16
C GLY A 333 0.91 -18.49 34.03
N VAL A 334 0.57 -19.43 33.16
CA VAL A 334 -0.80 -19.86 32.90
C VAL A 334 -0.82 -21.41 32.89
N ILE A 335 -1.91 -21.99 33.41
CA ILE A 335 -2.11 -23.45 33.43
C ILE A 335 -3.04 -23.83 32.29
N PHE A 336 -2.63 -24.83 31.52
CA PHE A 336 -3.52 -25.50 30.57
C PHE A 336 -3.42 -27.02 30.75
N ALA A 337 -4.55 -27.68 30.97
CA ALA A 337 -4.58 -29.13 31.15
C ALA A 337 -3.52 -29.58 32.18
N LYS A 338 -3.54 -28.90 33.34
CA LYS A 338 -2.70 -29.21 34.53
C LYS A 338 -1.24 -28.76 34.40
N ALA A 339 -0.82 -28.31 33.23
CA ALA A 339 0.60 -27.99 33.02
C ALA A 339 0.83 -26.50 32.76
N THR A 340 2.01 -26.02 33.13
CA THR A 340 2.41 -24.67 32.74
C THR A 340 2.62 -24.60 31.23
N VAL A 341 2.40 -23.43 30.66
CA VAL A 341 2.68 -23.24 29.25
C VAL A 341 4.03 -22.54 29.08
N SER A 342 4.53 -22.53 27.86
CA SER A 342 5.83 -21.92 27.58
C SER A 342 5.81 -20.40 27.72
N VAL A 343 7.01 -19.83 27.79
CA VAL A 343 7.21 -18.37 27.89
C VAL A 343 6.55 -17.66 26.72
N LYS A 344 6.66 -18.24 25.53
CA LYS A 344 6.06 -17.51 24.39
C LYS A 344 4.54 -17.50 24.45
N VAL A 345 3.94 -18.56 25.00
CA VAL A 345 2.47 -18.60 25.21
C VAL A 345 2.05 -17.53 26.20
N THR A 346 2.77 -17.41 27.32
CA THR A 346 2.35 -16.39 28.30
C THR A 346 2.66 -14.96 27.82
N ALA A 347 3.78 -14.76 27.12
CA ALA A 347 4.08 -13.42 26.58
C ALA A 347 3.00 -13.04 25.60
N SER A 348 2.66 -13.96 24.69
CA SER A 348 1.66 -13.68 23.65
C SER A 348 0.26 -13.48 24.25
N LEU A 349 -0.14 -14.33 25.18
CA LEU A 349 -1.46 -14.16 25.83
C LEU A 349 -1.57 -12.81 26.56
N SER A 350 -0.50 -12.41 27.25
CA SER A 350 -0.48 -11.12 27.94
C SER A 350 -0.66 -9.96 26.95
N LYS A 351 0.02 -10.05 25.82
CA LYS A 351 -0.11 -9.04 24.78
C LYS A 351 -1.53 -9.00 24.20
N ALA A 352 -2.09 -10.18 23.96
CA ALA A 352 -3.47 -10.32 23.47
C ALA A 352 -4.47 -9.66 24.45
N TRP A 353 -4.27 -9.89 25.74
CA TRP A 353 -5.12 -9.31 26.79
C TRP A 353 -5.04 -7.79 26.77
N THR A 354 -3.82 -7.25 26.69
CA THR A 354 -3.63 -5.80 26.70
C THR A 354 -4.28 -5.20 25.47
N ASN A 355 -4.12 -5.89 24.34
CA ASN A 355 -4.64 -5.41 23.06
C ASN A 355 -6.15 -5.59 22.92
N SER A 356 -6.77 -6.27 23.89
CA SER A 356 -8.20 -6.59 23.96
C SER A 356 -9.00 -5.56 24.79
N GLN A 357 -8.35 -4.55 25.34
CA GLN A 357 -9.00 -3.67 26.30
C GLN A 357 -9.84 -2.56 25.64
N SER A 358 -9.41 -2.12 24.47
CA SER A 358 -10.01 -0.97 23.79
C SER A 358 -10.57 -1.41 22.44
N GLY A 359 -11.66 -2.15 22.54
CA GLY A 359 -12.13 -3.19 21.63
C GLY A 359 -11.80 -3.16 20.15
N THR A 360 -12.06 -4.25 19.42
CA THR A 360 -13.03 -5.31 19.71
C THR A 360 -14.45 -4.87 19.51
N THR A 361 -14.82 -5.23 18.29
CA THR A 361 -16.09 -5.56 17.80
C THR A 361 -15.97 -7.01 17.39
N ALA A 362 -17.07 -7.67 17.69
CA ALA A 362 -17.61 -8.87 17.12
C ALA A 362 -17.29 -9.13 15.65
N ILE A 363 -16.94 -10.37 15.36
CA ILE A 363 -16.63 -10.77 14.00
C ILE A 363 -17.48 -11.97 13.63
N THR A 364 -17.77 -12.15 12.35
CA THR A 364 -18.26 -13.42 11.85
C THR A 364 -17.05 -14.24 11.46
N TYR A 365 -16.91 -15.39 12.10
CA TYR A 365 -15.82 -16.31 11.79
C TYR A 365 -16.33 -17.65 11.27
N THR A 366 -15.69 -18.13 10.22
CA THR A 366 -16.00 -19.44 9.62
C THR A 366 -14.80 -20.38 9.70
N CYS A 367 -15.05 -21.59 10.18
CA CYS A 367 -14.03 -22.64 10.17
C CYS A 367 -13.87 -23.18 8.75
N ASP A 368 -12.91 -22.63 8.02
CA ASP A 368 -12.59 -23.09 6.66
C ASP A 368 -11.59 -24.25 6.68
N ASN A 369 -10.71 -24.24 7.68
CA ASN A 369 -9.71 -25.28 7.86
C ASN A 369 -9.65 -25.69 9.32
N TYR A 370 -9.25 -26.92 9.56
CA TYR A 370 -8.90 -27.32 10.93
C TYR A 370 -7.68 -26.54 11.34
N ASP A 371 -7.50 -26.39 12.66
CA ASP A 371 -6.31 -25.77 13.20
C ASP A 371 -5.03 -26.46 12.69
N SER A 372 -5.13 -27.75 12.36
CA SER A 372 -3.97 -28.51 11.84
C SER A 372 -3.70 -28.27 10.34
N ASP A 373 -4.63 -27.61 9.64
CA ASP A 373 -4.47 -27.04 8.27
C ASP A 373 -5.33 -27.69 7.18
N GLU A 374 -5.79 -28.92 7.41
CA GLU A 374 -6.62 -29.61 6.42
C GLU A 374 -7.98 -28.92 6.27
N GLU A 375 -8.62 -29.09 5.10
CA GLU A 375 -9.93 -28.51 4.85
C GLU A 375 -10.96 -28.96 5.90
N PHE A 376 -11.73 -28.01 6.45
CA PHE A 376 -12.78 -28.29 7.43
C PHE A 376 -14.02 -28.78 6.71
N THR A 377 -14.45 -30.00 6.97
CA THR A 377 -15.65 -30.57 6.36
C THR A 377 -16.73 -30.93 7.39
N ARG A 378 -16.36 -30.85 8.67
CA ARG A 378 -17.24 -31.15 9.79
C ARG A 378 -16.44 -30.95 11.06
N GLY A 379 -17.14 -30.66 12.15
CA GLY A 379 -16.46 -30.59 13.47
C GLY A 379 -17.02 -29.45 14.30
N CYS A 380 -16.18 -28.89 15.17
CA CYS A 380 -16.64 -27.88 16.11
C CYS A 380 -15.69 -26.70 16.15
N MET A 381 -16.27 -25.56 16.50
CA MET A 381 -15.52 -24.33 16.76
C MET A 381 -15.44 -24.13 18.25
N TRP A 382 -14.23 -23.81 18.72
CA TRP A 382 -13.92 -23.69 20.14
C TRP A 382 -13.37 -22.30 20.40
N GLN A 383 -13.85 -21.64 21.45
CA GLN A 383 -13.35 -20.32 21.85
C GLN A 383 -12.61 -20.36 23.20
N LEU A 384 -11.47 -19.69 23.25
CA LEU A 384 -10.66 -19.70 24.48
C LEU A 384 -11.40 -19.03 25.66
N ALA A 385 -11.19 -19.55 26.87
CA ALA A 385 -11.58 -18.87 28.10
C ALA A 385 -10.39 -18.88 29.03
N ILE A 386 -10.09 -17.70 29.58
CA ILE A 386 -9.05 -17.53 30.60
C ILE A 386 -9.73 -17.05 31.89
N GLU A 387 -9.50 -17.78 32.99
CA GLU A 387 -10.06 -17.49 34.30
C GLU A 387 -8.97 -17.17 35.30
N THR A 388 -9.20 -16.12 36.08
CA THR A 388 -8.35 -15.84 37.25
C THR A 388 -9.22 -15.26 38.37
N THR A 389 -8.65 -15.15 39.57
CA THR A 389 -9.40 -14.64 40.72
C THR A 389 -8.52 -13.63 41.44
N GLU A 390 -9.11 -12.49 41.79
CA GLU A 390 -8.41 -11.51 42.62
C GLU A 390 -8.46 -12.03 44.06
N VAL A 391 -7.29 -12.29 44.64
CA VAL A 391 -7.25 -12.93 45.96
C VAL A 391 -7.89 -12.08 47.07
N LYS A 392 -7.60 -10.78 47.10
CA LYS A 392 -8.12 -9.93 48.19
C LYS A 392 -9.65 -9.90 48.29
N SER A 393 -10.34 -10.07 47.17
CA SER A 393 -11.79 -9.97 47.12
C SER A 393 -12.45 -11.33 46.94
N GLY A 394 -11.72 -12.25 46.31
CA GLY A 394 -12.28 -13.54 45.89
C GLY A 394 -13.05 -13.45 44.59
N ASP A 395 -12.96 -12.31 43.90
CA ASP A 395 -13.76 -12.08 42.68
C ASP A 395 -13.14 -12.74 41.46
N LEU A 396 -13.96 -13.53 40.74
CA LEU A 396 -13.55 -14.23 39.53
C LEU A 396 -13.59 -13.33 38.30
N LEU A 397 -12.53 -13.40 37.50
CA LEU A 397 -12.50 -12.71 36.22
C LEU A 397 -12.44 -13.76 35.13
N VAL A 398 -13.33 -13.64 34.14
CA VAL A 398 -13.36 -14.58 33.04
C VAL A 398 -13.19 -13.75 31.76
N TRP A 399 -12.21 -14.14 30.96
CA TRP A 399 -11.91 -13.48 29.70
C TRP A 399 -12.12 -14.47 28.56
N ASN A 400 -12.97 -14.10 27.60
CA ASN A 400 -13.19 -14.88 26.40
C ASN A 400 -12.71 -14.08 25.17
N PRO A 401 -11.42 -14.19 24.83
CA PRO A 401 -10.93 -13.43 23.67
C PRO A 401 -11.39 -14.02 22.33
N GLN A 402 -11.15 -13.26 21.25
CA GLN A 402 -11.44 -13.77 19.93
C GLN A 402 -10.31 -14.66 19.43
N ILE A 403 -10.10 -15.73 20.22
CA ILE A 403 -9.10 -16.74 19.92
C ILE A 403 -9.87 -18.04 19.79
N VAL A 404 -9.72 -18.68 18.63
CA VAL A 404 -10.54 -19.82 18.24
C VAL A 404 -9.70 -21.01 17.74
N LYS A 405 -10.15 -22.24 18.02
CA LYS A 405 -9.62 -23.42 17.37
C LYS A 405 -10.76 -24.13 16.66
N CYS A 406 -10.49 -24.52 15.42
CA CYS A 406 -11.40 -25.32 14.60
C CYS A 406 -10.88 -26.75 14.60
N THR A 407 -11.69 -27.68 15.10
CA THR A 407 -11.26 -29.09 15.14
C THR A 407 -12.35 -30.01 14.60
N ARG A 408 -11.97 -31.26 14.34
CA ARG A 408 -12.88 -32.27 13.77
C ARG A 408 -13.70 -32.94 14.88
N SER A 409 -13.49 -32.52 16.13
CA SER A 409 -13.93 -33.31 17.26
C SER A 409 -14.88 -32.56 18.21
N ASN A 410 -15.82 -33.28 18.83
CA ASN A 410 -16.64 -32.75 19.93
C ASN A 410 -15.89 -32.71 21.26
N THR A 411 -14.68 -33.26 21.30
CA THR A 411 -13.80 -33.21 22.46
C THR A 411 -13.02 -31.88 22.38
N ALA A 412 -12.94 -31.16 23.50
CA ALA A 412 -12.17 -29.89 23.55
C ALA A 412 -10.74 -30.10 23.05
N PRO A 413 -10.18 -29.07 22.38
CA PRO A 413 -8.77 -29.15 21.97
C PRO A 413 -7.82 -29.53 23.10
N GLY A 414 -6.86 -30.36 22.75
CA GLY A 414 -5.86 -30.80 23.72
C GLY A 414 -4.63 -29.91 23.69
N CYS A 415 -4.76 -28.70 23.15
CA CYS A 415 -3.63 -27.78 22.95
C CYS A 415 -3.94 -26.41 23.48
N ALA A 416 -2.96 -25.80 24.14
CA ALA A 416 -3.11 -24.47 24.70
C ALA A 416 -3.24 -23.43 23.58
N PRO A 417 -3.79 -22.23 23.90
CA PRO A 417 -3.75 -21.18 22.91
C PRO A 417 -2.28 -20.85 22.59
N PHE A 418 -2.02 -20.29 21.41
CA PHE A 418 -0.65 -20.01 20.92
C PHE A 418 0.18 -21.27 20.77
N THR A 419 -0.48 -22.41 20.66
CA THR A 419 0.19 -23.62 20.20
C THR A 419 -0.70 -24.21 19.13
N LYS A 420 -0.14 -25.09 18.29
CA LYS A 420 -0.84 -25.56 17.10
C LYS A 420 -1.37 -26.98 17.27
N CYS A 421 -2.62 -27.21 16.90
CA CYS A 421 -3.13 -28.59 16.86
C CYS A 421 -2.33 -29.40 15.81
N ALA A 422 -1.81 -30.56 16.21
CA ALA A 422 -0.98 -31.38 15.31
C ALA A 422 -1.78 -32.28 14.39
N ASN A 423 -3.06 -32.47 14.70
CA ASN A 423 -3.97 -33.28 13.90
C ASN A 423 -5.38 -32.69 13.90
N GLU A 424 -6.26 -33.24 13.07
CA GLU A 424 -7.60 -32.67 12.93
C GLU A 424 -8.42 -32.69 14.18
N ASP A 425 -8.30 -33.75 14.97
CA ASP A 425 -9.03 -33.86 16.24
C ASP A 425 -8.36 -33.07 17.35
N CYS A 426 -7.14 -32.60 17.09
CA CYS A 426 -6.35 -31.80 18.04
C CYS A 426 -6.08 -32.55 19.37
N THR A 427 -5.46 -33.73 19.26
CA THR A 427 -5.15 -34.54 20.43
C THR A 427 -3.73 -34.34 20.94
N PHE A 428 -2.86 -33.78 20.09
CA PHE A 428 -1.54 -33.35 20.50
C PHE A 428 -1.16 -32.09 19.74
N CYS A 429 0.00 -31.53 20.08
CA CYS A 429 0.32 -30.17 19.67
C CYS A 429 1.72 -30.05 19.11
N THR A 430 1.89 -29.05 18.26
CA THR A 430 3.21 -28.57 17.84
C THR A 430 3.33 -27.07 18.14
N ASP A 431 4.50 -26.50 17.89
CA ASP A 431 4.72 -25.06 18.13
C ASP A 431 4.37 -24.72 19.56
N ILE A 432 4.86 -25.52 20.49
CA ILE A 432 4.54 -25.30 21.91
C ILE A 432 5.32 -24.13 22.48
N VAL B 2 15.87 7.56 -28.89
CA VAL B 2 15.30 6.15 -28.92
C VAL B 2 13.77 6.21 -28.93
N LEU B 3 13.17 6.58 -27.79
CA LEU B 3 11.74 6.89 -27.73
C LEU B 3 11.45 8.13 -28.57
N CYS B 4 10.17 8.36 -28.87
CA CYS B 4 9.76 9.58 -29.55
C CYS B 4 9.80 10.73 -28.55
N THR B 5 10.73 11.68 -28.77
CA THR B 5 10.92 12.80 -27.85
C THR B 5 10.03 13.99 -28.24
N ASN B 6 9.46 13.93 -29.43
CA ASN B 6 8.61 15.02 -29.90
C ASN B 6 7.21 14.54 -30.36
N PRO B 7 6.46 13.94 -29.43
CA PRO B 7 5.14 13.42 -29.79
C PRO B 7 4.15 14.56 -30.06
N LEU B 8 3.19 14.29 -30.92
CA LEU B 8 2.10 15.22 -31.24
C LEU B 8 0.76 14.84 -30.64
N ASP B 9 0.53 13.54 -30.43
CA ASP B 9 -0.74 13.06 -29.89
C ASP B 9 -0.55 11.63 -29.39
N ILE B 10 -1.23 11.28 -28.30
CA ILE B 10 -1.26 9.91 -27.79
C ILE B 10 -2.72 9.52 -27.50
N GLY B 11 -3.16 8.44 -28.13
CA GLY B 11 -4.45 7.85 -27.79
C GLY B 11 -4.89 6.79 -28.75
N GLU B 12 -6.16 6.42 -28.66
CA GLU B 12 -6.71 5.42 -29.58
C GLU B 12 -6.75 5.97 -30.99
N LEU B 13 -6.23 5.19 -31.93
CA LEU B 13 -6.38 5.54 -33.32
C LEU B 13 -7.56 4.79 -33.90
N ARG B 14 -8.57 5.52 -34.37
CA ARG B 14 -9.81 4.84 -34.79
C ARG B 14 -10.19 5.06 -36.25
N SER B 15 -10.93 4.10 -36.81
CA SER B 15 -11.50 4.21 -38.15
C SER B 15 -12.66 5.21 -38.19
N PHE B 16 -12.60 6.18 -39.10
CA PHE B 16 -13.73 7.09 -39.34
C PHE B 16 -14.99 6.33 -39.73
N LYS B 17 -14.80 5.25 -40.48
CA LYS B 17 -15.89 4.41 -40.97
C LYS B 17 -16.60 3.59 -39.86
N SER B 18 -15.86 2.71 -39.19
CA SER B 18 -16.45 1.74 -38.27
C SER B 18 -16.32 2.15 -36.81
N LYS B 19 -15.47 3.14 -36.55
CA LYS B 19 -15.08 3.59 -35.20
C LYS B 19 -14.32 2.51 -34.43
N GLN B 20 -13.94 1.42 -35.11
CA GLN B 20 -13.07 0.41 -34.45
C GLN B 20 -11.67 0.97 -34.17
N CYS B 21 -10.95 0.36 -33.24
CA CYS B 21 -9.59 0.74 -32.95
C CYS B 21 -8.60 0.10 -33.93
N VAL B 22 -7.54 0.84 -34.24
CA VAL B 22 -6.42 0.29 -35.00
C VAL B 22 -5.61 -0.50 -33.96
N ASP B 23 -5.50 -1.81 -34.20
CA ASP B 23 -5.08 -2.74 -33.16
C ASP B 23 -3.87 -3.53 -33.58
N ILE B 24 -2.91 -3.69 -32.66
CA ILE B 24 -1.77 -4.58 -32.87
C ILE B 24 -2.12 -5.92 -32.19
N VAL B 25 -1.91 -7.02 -32.90
CA VAL B 25 -2.25 -8.34 -32.33
C VAL B 25 -1.61 -8.52 -30.95
N GLY B 26 -2.33 -9.16 -30.04
CA GLY B 26 -1.86 -9.35 -28.69
C GLY B 26 -1.84 -8.05 -27.93
N ASN B 27 -0.92 -7.95 -26.97
CA ASN B 27 -0.83 -6.80 -26.10
C ASN B 27 0.61 -6.30 -25.88
N GLN B 28 1.56 -6.78 -26.69
CA GLN B 28 2.98 -6.44 -26.50
C GLN B 28 3.51 -5.36 -27.43
N GLY B 29 2.67 -4.92 -28.35
CA GLY B 29 3.04 -3.79 -29.19
C GLY B 29 3.81 -4.11 -30.45
N SER B 30 3.83 -5.41 -30.82
CA SER B 30 4.47 -5.85 -32.04
C SER B 30 3.58 -6.85 -32.75
N GLY B 31 3.59 -6.83 -34.07
CA GLY B 31 2.83 -7.79 -34.85
C GLY B 31 1.92 -7.12 -35.84
N ASN B 32 1.10 -7.93 -36.49
CA ASN B 32 0.20 -7.43 -37.50
C ASN B 32 -0.76 -6.37 -36.93
N ILE B 33 -1.20 -5.48 -37.80
CA ILE B 33 -2.13 -4.42 -37.45
C ILE B 33 -3.43 -4.63 -38.23
N ALA B 34 -4.56 -4.56 -37.52
CA ALA B 34 -5.88 -4.74 -38.12
C ALA B 34 -6.87 -4.01 -37.21
N THR B 35 -8.14 -3.95 -37.60
CA THR B 35 -9.10 -3.34 -36.70
C THR B 35 -9.50 -4.31 -35.60
N TYR B 36 -9.92 -3.78 -34.46
CA TYR B 36 -10.41 -4.58 -33.36
C TYR B 36 -11.27 -3.69 -32.47
N ASP B 37 -12.11 -4.32 -31.64
CA ASP B 37 -12.73 -3.59 -30.54
C ASP B 37 -11.66 -2.87 -29.71
N CYS B 38 -11.97 -1.66 -29.29
CA CYS B 38 -11.09 -0.92 -28.40
C CYS B 38 -11.11 -1.60 -27.05
N ASP B 39 -9.94 -2.00 -26.56
CA ASP B 39 -9.93 -2.79 -25.33
C ASP B 39 -9.14 -2.21 -24.17
N GLY B 40 -8.65 -0.98 -24.36
CA GLY B 40 -8.03 -0.22 -23.26
C GLY B 40 -6.61 -0.60 -22.92
N LEU B 41 -6.02 -1.50 -23.70
CA LEU B 41 -4.64 -1.90 -23.43
C LEU B 41 -3.65 -0.90 -24.03
N SER B 42 -2.43 -0.87 -23.48
CA SER B 42 -1.43 0.14 -23.88
C SER B 42 -0.97 0.06 -25.33
N ASP B 43 -1.08 -1.10 -25.96
CA ASP B 43 -0.72 -1.21 -27.38
C ASP B 43 -1.68 -0.46 -28.29
N GLN B 44 -2.90 -0.22 -27.79
CA GLN B 44 -3.87 0.57 -28.53
C GLN B 44 -3.73 2.05 -28.24
N GLN B 45 -2.80 2.42 -27.36
CA GLN B 45 -2.43 3.82 -27.18
C GLN B 45 -1.35 4.19 -28.22
N ILE B 46 -1.82 4.73 -29.33
CA ILE B 46 -0.93 5.04 -30.46
C ILE B 46 -0.26 6.38 -30.23
N ILE B 47 1.01 6.50 -30.62
CA ILE B 47 1.78 7.73 -30.41
C ILE B 47 2.04 8.30 -31.80
N ILE B 48 1.51 9.48 -32.06
CA ILE B 48 1.78 10.15 -33.32
C ILE B 48 3.03 10.98 -33.10
N CYS B 49 4.14 10.53 -33.66
CA CYS B 49 5.43 11.18 -33.43
C CYS B 49 5.71 12.31 -34.38
N GLY B 50 6.30 13.39 -33.88
CA GLY B 50 6.69 14.55 -34.70
C GLY B 50 7.70 14.24 -35.80
N ASP B 51 8.44 13.14 -35.65
CA ASP B 51 9.40 12.69 -36.66
C ASP B 51 8.73 11.90 -37.81
N GLY B 52 7.40 11.76 -37.75
CA GLY B 52 6.68 11.12 -38.84
C GLY B 52 6.33 9.66 -38.58
N THR B 53 6.96 9.06 -37.58
CA THR B 53 6.67 7.67 -37.26
C THR B 53 5.38 7.57 -36.46
N ILE B 54 4.79 6.38 -36.46
CA ILE B 54 3.63 6.09 -35.64
C ILE B 54 4.00 4.92 -34.75
N ARG B 55 3.95 5.16 -33.44
CA ARG B 55 4.37 4.17 -32.46
C ARG B 55 3.23 3.83 -31.49
N ASN B 56 3.53 3.16 -30.39
CA ASN B 56 2.50 2.79 -29.41
C ASN B 56 3.11 2.74 -28.02
N GLU B 57 2.27 2.73 -27.00
CA GLU B 57 2.77 2.82 -25.63
C GLU B 57 3.25 1.50 -25.03
N ALA B 58 2.88 0.37 -25.65
CA ALA B 58 3.34 -0.95 -25.14
C ALA B 58 4.78 -1.25 -25.52
N ARG B 59 5.17 -0.86 -26.72
CA ARG B 59 6.52 -1.07 -27.22
C ARG B 59 6.96 0.03 -28.19
N ASN B 60 8.24 0.40 -28.14
CA ASN B 60 8.78 1.43 -29.04
C ASN B 60 9.03 0.91 -30.48
N TYR B 61 7.95 0.45 -31.11
CA TYR B 61 7.93 -0.05 -32.48
C TYR B 61 7.11 0.87 -33.36
N CYS B 62 7.28 0.74 -34.68
CA CYS B 62 6.76 1.66 -35.67
C CYS B 62 5.78 0.99 -36.62
N PHE B 63 4.67 1.65 -36.96
CA PHE B 63 3.85 1.18 -38.07
C PHE B 63 4.71 1.10 -39.34
N THR B 64 4.73 -0.07 -39.97
CA THR B 64 5.67 -0.34 -41.05
C THR B 64 5.00 -1.18 -42.13
N PRO B 65 5.06 -0.73 -43.40
CA PRO B 65 4.55 -1.55 -44.51
C PRO B 65 5.52 -2.70 -44.80
N ASP B 66 4.98 -3.89 -45.04
CA ASP B 66 5.81 -5.06 -45.24
C ASP B 66 6.07 -5.18 -46.72
N GLY B 67 7.01 -4.36 -47.21
CA GLY B 67 7.35 -4.36 -48.62
C GLY B 67 6.81 -3.17 -49.39
N SER B 68 7.03 -3.19 -50.69
CA SER B 68 6.58 -2.13 -51.59
C SER B 68 5.16 -2.40 -52.12
N GLY B 69 4.59 -1.40 -52.79
CA GLY B 69 3.27 -1.50 -53.40
C GLY B 69 2.19 -1.59 -52.32
N ASN B 70 1.07 -2.22 -52.68
CA ASN B 70 -0.04 -2.40 -51.75
C ASN B 70 0.22 -3.49 -50.71
N ALA B 71 0.96 -3.13 -49.68
CA ALA B 71 1.50 -4.09 -48.73
C ALA B 71 0.73 -4.11 -47.42
N ASN B 72 0.95 -5.16 -46.65
CA ASN B 72 0.46 -5.26 -45.28
C ASN B 72 1.18 -4.28 -44.36
N VAL B 73 0.51 -3.82 -43.32
CA VAL B 73 1.16 -2.98 -42.30
C VAL B 73 1.24 -3.74 -40.97
N MET B 74 2.41 -3.72 -40.35
CA MET B 74 2.62 -4.32 -39.04
C MET B 74 3.33 -3.34 -38.12
N SER B 75 3.34 -3.66 -36.83
CA SER B 75 4.16 -2.93 -35.87
C SER B 75 5.50 -3.64 -35.75
N SER B 76 6.56 -2.94 -36.17
CA SER B 76 7.90 -3.53 -36.38
C SER B 76 8.97 -2.62 -35.80
N PRO B 77 10.19 -3.16 -35.57
CA PRO B 77 11.27 -2.33 -35.05
C PRO B 77 11.47 -1.05 -35.87
N CYS B 78 11.63 0.09 -35.19
CA CYS B 78 11.91 1.36 -35.85
C CYS B 78 13.34 1.39 -36.35
N THR B 79 13.51 1.67 -37.63
CA THR B 79 14.85 1.80 -38.20
C THR B 79 15.36 3.23 -37.94
N LEU B 80 16.46 3.33 -37.19
CA LEU B 80 16.99 4.63 -36.77
C LEU B 80 18.20 5.04 -37.62
N TYR B 81 18.94 4.05 -38.10
CA TYR B 81 20.22 4.29 -38.78
C TYR B 81 20.28 3.66 -40.16
N PRO B 82 20.78 4.41 -41.17
CA PRO B 82 21.42 5.73 -41.07
C PRO B 82 20.48 6.87 -40.68
N GLU B 83 19.19 6.68 -40.95
CA GLU B 83 18.15 7.67 -40.67
C GLU B 83 16.83 6.92 -40.66
N ILE B 84 15.78 7.55 -40.15
CA ILE B 84 14.46 6.93 -40.20
C ILE B 84 14.04 6.89 -41.65
N PRO B 85 13.74 5.69 -42.18
CA PRO B 85 13.40 5.61 -43.60
C PRO B 85 12.06 6.26 -43.89
N SER B 86 11.92 6.82 -45.09
CA SER B 86 10.66 7.45 -45.49
C SER B 86 9.51 6.44 -45.44
N SER B 87 9.83 5.16 -45.57
CA SER B 87 8.82 4.09 -45.52
C SER B 87 8.18 3.90 -44.14
N GLN B 88 8.85 4.36 -43.07
CA GLN B 88 8.28 4.32 -41.71
C GLN B 88 7.74 5.69 -41.26
N ARG B 89 7.61 6.60 -42.21
CA ARG B 89 7.11 7.94 -41.95
C ARG B 89 5.79 8.19 -42.67
N TRP B 90 4.94 9.01 -42.03
CA TRP B 90 3.57 9.17 -42.46
C TRP B 90 3.20 10.63 -42.37
N ARG B 91 2.39 11.08 -43.30
CA ARG B 91 1.86 12.44 -43.24
C ARG B 91 0.33 12.38 -43.25
N GLN B 92 -0.31 13.45 -42.81
CA GLN B 92 -1.76 13.51 -42.87
C GLN B 92 -2.21 14.08 -44.22
N GLY B 93 -3.25 13.50 -44.78
CA GLY B 93 -3.82 13.99 -46.02
C GLY B 93 -5.06 14.79 -45.77
N ARG B 94 -6.12 14.47 -46.52
CA ARG B 94 -7.36 15.23 -46.49
C ARG B 94 -8.05 14.96 -45.18
N ARG B 95 -8.89 15.90 -44.76
CA ARG B 95 -9.50 15.79 -43.45
C ARG B 95 -11.03 15.70 -43.53
N LYS B 96 -11.57 15.03 -42.52
CA LYS B 96 -13.02 14.95 -42.33
C LYS B 96 -13.29 15.14 -40.84
N THR B 97 -14.20 16.05 -40.51
CA THR B 97 -14.60 16.25 -39.11
C THR B 97 -15.99 15.64 -38.90
N PHE B 98 -16.24 15.14 -37.70
CA PHE B 98 -17.58 14.63 -37.36
C PHE B 98 -17.80 14.72 -35.85
N THR B 99 -19.07 14.67 -35.44
CA THR B 99 -19.43 14.63 -34.02
C THR B 99 -19.78 13.18 -33.66
N ASP B 100 -19.08 12.62 -32.69
CA ASP B 100 -19.31 11.20 -32.38
C ASP B 100 -20.53 11.02 -31.48
N ASN B 101 -20.85 9.77 -31.14
CA ASN B 101 -22.06 9.49 -30.36
C ASN B 101 -22.01 10.04 -28.94
N GLY B 102 -20.79 10.29 -28.46
CA GLY B 102 -20.57 10.93 -27.18
C GLY B 102 -20.66 12.44 -27.22
N GLY B 103 -20.88 12.97 -28.42
CA GLY B 103 -21.00 14.40 -28.65
C GLY B 103 -19.69 15.15 -28.83
N ILE B 104 -18.61 14.41 -29.10
CA ILE B 104 -17.30 15.04 -29.18
C ILE B 104 -16.91 15.26 -30.64
N GLU B 105 -16.39 16.44 -30.93
CA GLU B 105 -15.87 16.75 -32.26
C GLU B 105 -14.59 15.96 -32.47
N GLN B 106 -14.55 15.14 -33.52
CA GLN B 106 -13.34 14.40 -33.87
C GLN B 106 -12.81 14.90 -35.21
N VAL B 107 -11.51 14.68 -35.44
CA VAL B 107 -10.90 15.07 -36.72
C VAL B 107 -10.20 13.85 -37.29
N ALA B 108 -10.70 13.38 -38.43
CA ALA B 108 -10.08 12.24 -39.13
C ALA B 108 -9.33 12.74 -40.35
N THR B 109 -8.26 12.06 -40.69
CA THR B 109 -7.50 12.40 -41.90
C THR B 109 -7.04 11.11 -42.56
N GLU B 110 -6.72 11.21 -43.85
CA GLU B 110 -5.89 10.18 -44.46
C GLU B 110 -4.55 10.13 -43.73
N ILE B 111 -3.98 8.93 -43.69
CA ILE B 111 -2.63 8.75 -43.17
C ILE B 111 -1.83 8.13 -44.31
N ILE B 112 -0.89 8.91 -44.83
CA ILE B 112 -0.25 8.59 -46.11
C ILE B 112 1.23 8.32 -45.91
N ASN B 113 1.67 7.17 -46.42
CA ASN B 113 3.07 6.76 -46.32
C ASN B 113 4.02 7.65 -47.14
N LEU B 114 5.12 8.09 -46.53
CA LEU B 114 6.03 9.04 -47.20
C LEU B 114 6.77 8.46 -48.40
N ALA B 115 7.12 7.18 -48.29
CA ALA B 115 7.85 6.50 -49.38
C ALA B 115 6.96 6.25 -50.60
N SER B 116 5.81 5.65 -50.37
CA SER B 116 4.95 5.16 -51.47
C SER B 116 3.84 6.11 -51.90
N GLY B 117 3.46 7.03 -51.02
CA GLY B 117 2.30 7.89 -51.28
C GLY B 117 0.98 7.12 -51.13
N LYS B 118 1.05 5.94 -50.54
CA LYS B 118 -0.16 5.14 -50.37
C LYS B 118 -0.81 5.43 -49.04
N CYS B 119 -2.13 5.26 -49.00
CA CYS B 119 -2.91 5.47 -47.78
C CYS B 119 -2.96 4.25 -46.89
N LEU B 120 -2.79 4.47 -45.59
CA LEU B 120 -3.21 3.49 -44.58
C LEU B 120 -4.67 3.08 -44.88
N ASP B 121 -4.91 1.78 -44.90
CA ASP B 121 -6.14 1.27 -45.50
C ASP B 121 -6.66 0.08 -44.73
N ILE B 122 -7.99 -0.04 -44.68
CA ILE B 122 -8.62 -1.25 -44.17
C ILE B 122 -9.14 -2.02 -45.36
N GLU B 123 -8.97 -3.34 -45.33
CA GLU B 123 -9.46 -4.19 -46.44
C GLU B 123 -10.96 -3.99 -46.67
N GLY B 124 -11.35 -3.95 -47.93
CA GLY B 124 -12.76 -3.75 -48.29
C GLY B 124 -13.15 -2.29 -48.07
N SER B 125 -14.42 -2.07 -47.72
CA SER B 125 -14.94 -0.72 -47.59
C SER B 125 -15.75 -0.56 -46.29
N ASP B 126 -15.86 -1.62 -45.48
CA ASP B 126 -16.73 -1.55 -44.29
C ASP B 126 -16.03 -1.07 -43.01
N GLY B 127 -14.73 -0.82 -43.12
CA GLY B 127 -13.98 -0.30 -41.98
C GLY B 127 -13.61 -1.36 -40.96
N THR B 128 -13.73 -2.63 -41.33
CA THR B 128 -13.26 -3.72 -40.44
C THR B 128 -12.39 -4.70 -41.23
N GLY B 129 -11.33 -5.19 -40.61
CA GLY B 129 -10.47 -6.17 -41.24
C GLY B 129 -9.01 -5.81 -41.21
N ASP B 130 -8.24 -6.44 -42.08
CA ASP B 130 -6.79 -6.29 -42.06
C ASP B 130 -6.42 -4.90 -42.53
N ILE B 131 -5.31 -4.40 -41.98
CA ILE B 131 -4.80 -3.08 -42.31
C ILE B 131 -3.45 -3.16 -43.06
N GLY B 132 -3.39 -2.50 -44.20
CA GLY B 132 -2.18 -2.32 -45.00
C GLY B 132 -2.13 -0.93 -45.59
N VAL B 133 -1.37 -0.78 -46.67
CA VAL B 133 -1.35 0.45 -47.47
C VAL B 133 -1.90 0.13 -48.86
N TYR B 134 -2.65 1.07 -49.42
CA TYR B 134 -3.35 0.89 -50.68
C TYR B 134 -3.42 2.23 -51.38
N ASP B 135 -3.67 2.20 -52.69
CA ASP B 135 -3.95 3.40 -53.45
C ASP B 135 -4.97 4.22 -52.65
N CYS B 136 -4.73 5.52 -52.49
CA CYS B 136 -5.70 6.39 -51.82
C CYS B 136 -6.94 6.48 -52.69
N GLN B 137 -8.07 5.97 -52.22
CA GLN B 137 -9.27 6.02 -53.07
C GLN B 137 -10.52 6.63 -52.46
N ASN B 138 -10.28 7.52 -51.49
CA ASN B 138 -11.28 8.47 -51.02
C ASN B 138 -12.37 7.86 -50.16
N LEU B 139 -12.34 6.56 -49.92
CA LEU B 139 -13.39 5.95 -49.12
C LEU B 139 -13.22 6.28 -47.65
N ASP B 140 -14.34 6.27 -46.91
CA ASP B 140 -14.34 6.65 -45.49
C ASP B 140 -13.40 5.81 -44.65
N ASP B 141 -13.21 4.54 -45.04
CA ASP B 141 -12.33 3.64 -44.27
C ASP B 141 -10.82 3.94 -44.43
N GLN B 142 -10.46 4.95 -45.27
CA GLN B 142 -9.09 5.44 -45.34
C GLN B 142 -8.89 6.72 -44.54
N TYR B 143 -9.85 7.03 -43.66
CA TYR B 143 -9.71 8.18 -42.74
C TYR B 143 -9.68 7.71 -41.31
N PHE B 144 -8.76 8.27 -40.51
CA PHE B 144 -8.51 7.79 -39.16
C PHE B 144 -8.44 8.97 -38.22
N TYR B 145 -8.94 8.81 -37.00
CA TYR B 145 -8.80 9.87 -35.97
C TYR B 145 -8.21 9.34 -34.68
N VAL B 146 -7.48 10.20 -33.98
CA VAL B 146 -7.10 9.89 -32.59
C VAL B 146 -8.28 10.34 -31.70
N ARG B 147 -8.88 9.37 -31.01
CA ARG B 147 -10.11 9.62 -30.25
C ARG B 147 -9.87 10.63 -29.13
N SER B 148 -10.69 11.67 -29.11
CA SER B 148 -10.72 12.58 -27.98
C SER B 148 -11.93 12.23 -27.09
N ARG B 149 -11.75 12.29 -25.77
CA ARG B 149 -12.89 12.11 -24.84
C ARG B 149 -13.56 13.45 -24.59
N GLY B 150 -13.02 14.52 -25.17
CA GLY B 150 -13.37 15.89 -24.79
C GLY B 150 -12.74 16.20 -23.45
N PRO B 151 -13.01 17.40 -22.91
CA PRO B 151 -12.39 17.78 -21.66
C PRO B 151 -12.68 16.81 -20.49
N GLU B 152 -11.71 16.61 -19.60
CA GLU B 152 -11.98 16.04 -18.29
C GLU B 152 -12.75 17.09 -17.50
N LEU B 153 -13.93 16.70 -17.04
CA LEU B 153 -14.86 17.63 -16.35
C LEU B 153 -14.58 17.66 -14.86
N PHE B 154 -14.40 16.45 -14.31
CA PHE B 154 -14.24 16.24 -12.87
C PHE B 154 -13.45 14.97 -12.61
N TYR B 155 -12.95 14.87 -11.39
CA TYR B 155 -12.18 13.71 -10.95
C TYR B 155 -12.14 13.59 -9.44
N GLY B 156 -11.71 12.41 -8.96
CA GLY B 156 -11.53 12.17 -7.54
C GLY B 156 -12.30 10.93 -7.11
N ARG B 157 -12.37 10.73 -5.80
CA ARG B 157 -13.27 9.73 -5.24
C ARG B 157 -14.68 10.34 -5.22
N LEU B 158 -15.69 9.49 -5.11
CA LEU B 158 -17.06 9.97 -5.11
C LEU B 158 -17.72 9.66 -3.77
N ARG B 159 -17.90 10.70 -2.94
CA ARG B 159 -18.43 10.51 -1.60
C ARG B 159 -19.95 10.64 -1.59
N ASN B 160 -20.65 9.64 -1.01
CA ASN B 160 -22.12 9.66 -0.96
C ASN B 160 -22.65 10.68 0.06
N GLU B 161 -23.63 11.49 -0.33
CA GLU B 161 -24.20 12.49 0.60
C GLU B 161 -24.89 11.87 1.83
N LYS B 162 -25.56 10.74 1.64
CA LYS B 162 -26.25 10.09 2.75
C LYS B 162 -25.27 9.47 3.75
N SER B 163 -24.33 8.67 3.26
CA SER B 163 -23.56 7.77 4.13
C SER B 163 -22.11 8.19 4.38
N ASP B 164 -21.62 9.11 3.56
CA ASP B 164 -20.19 9.47 3.51
C ASP B 164 -19.26 8.33 3.08
N LEU B 165 -19.82 7.19 2.68
CA LEU B 165 -18.99 6.14 2.06
C LEU B 165 -18.59 6.54 0.61
N CYS B 166 -17.57 5.87 0.07
CA CYS B 166 -17.14 6.12 -1.30
C CYS B 166 -17.67 5.09 -2.31
N LEU B 167 -17.86 5.55 -3.54
CA LEU B 167 -18.11 4.64 -4.64
C LEU B 167 -16.87 3.75 -4.81
N ASP B 168 -17.11 2.44 -4.75
CA ASP B 168 -16.03 1.47 -4.62
C ASP B 168 -16.17 0.39 -5.68
N VAL B 169 -15.05 -0.22 -6.04
CA VAL B 169 -15.05 -1.39 -6.90
C VAL B 169 -14.57 -2.53 -5.99
N GLU B 170 -15.26 -3.65 -6.04
CA GLU B 170 -14.91 -4.82 -5.25
C GLU B 170 -13.44 -5.20 -5.45
N GLY B 171 -12.76 -5.55 -4.36
CA GLY B 171 -11.32 -5.86 -4.42
C GLY B 171 -10.50 -4.60 -4.60
N SER B 172 -9.37 -4.70 -5.33
CA SER B 172 -8.49 -3.54 -5.52
C SER B 172 -7.97 -3.33 -6.96
N ASP B 173 -8.39 -4.20 -7.89
CA ASP B 173 -7.88 -4.14 -9.28
C ASP B 173 -8.70 -3.21 -10.19
N GLY B 174 -9.77 -2.64 -9.65
CA GLY B 174 -10.63 -1.72 -10.41
C GLY B 174 -11.53 -2.46 -11.38
N LYS B 175 -11.69 -3.76 -11.18
CA LYS B 175 -12.53 -4.58 -12.04
C LYS B 175 -13.67 -5.21 -11.25
N GLY B 176 -14.86 -5.24 -11.85
CA GLY B 176 -15.97 -5.98 -11.29
C GLY B 176 -17.06 -5.10 -10.69
N ASN B 177 -17.76 -5.62 -9.68
CA ASN B 177 -18.95 -4.96 -9.16
C ASN B 177 -18.64 -3.64 -8.45
N VAL B 178 -19.54 -2.67 -8.62
CA VAL B 178 -19.43 -1.38 -7.94
C VAL B 178 -20.46 -1.36 -6.80
N LEU B 179 -20.01 -0.87 -5.65
CA LEU B 179 -20.81 -0.86 -4.41
C LEU B 179 -20.31 0.28 -3.55
N MET B 180 -20.98 0.54 -2.44
CA MET B 180 -20.48 1.52 -1.49
C MET B 180 -19.52 0.87 -0.48
N TYR B 181 -18.47 1.60 -0.11
CA TYR B 181 -17.52 1.08 0.89
C TYR B 181 -16.78 2.23 1.54
N SER B 182 -16.15 1.94 2.68
CA SER B 182 -15.29 2.93 3.32
C SER B 182 -14.33 3.52 2.29
N CYS B 183 -14.12 4.83 2.38
CA CYS B 183 -13.17 5.49 1.51
C CYS B 183 -11.76 5.02 1.84
N GLU B 184 -11.03 4.61 0.81
CA GLU B 184 -9.69 4.04 0.96
C GLU B 184 -8.69 4.76 0.04
N ASP B 185 -7.42 4.76 0.45
CA ASP B 185 -6.32 5.32 -0.34
C ASP B 185 -5.84 4.35 -1.43
N ASN B 186 -6.80 3.73 -2.11
CA ASN B 186 -6.56 2.84 -3.26
C ASN B 186 -7.06 3.53 -4.51
N LEU B 187 -6.38 3.31 -5.62
CA LEU B 187 -6.73 3.95 -6.90
C LEU B 187 -8.03 3.44 -7.50
N ASP B 188 -8.51 2.29 -7.01
CA ASP B 188 -9.74 1.74 -7.57
C ASP B 188 -10.96 2.60 -7.22
N GLN B 189 -10.79 3.54 -6.30
CA GLN B 189 -11.89 4.43 -5.91
C GLN B 189 -11.80 5.79 -6.61
N TRP B 190 -10.74 6.00 -7.38
CA TRP B 190 -10.55 7.27 -8.11
C TRP B 190 -11.16 7.14 -9.51
N PHE B 191 -11.99 8.11 -9.89
CA PHE B 191 -12.60 8.15 -11.22
C PHE B 191 -12.33 9.47 -11.92
N ARG B 192 -12.37 9.44 -13.25
CA ARG B 192 -12.22 10.66 -14.08
C ARG B 192 -13.41 10.72 -14.99
N TYR B 193 -14.08 11.87 -15.04
CA TYR B 193 -15.35 12.03 -15.74
C TYR B 193 -15.17 13.00 -16.90
N TYR B 194 -15.57 12.55 -18.10
CA TYR B 194 -15.28 13.29 -19.33
C TYR B 194 -16.51 13.84 -20.01
N GLU B 195 -16.28 14.84 -20.86
CA GLU B 195 -17.40 15.41 -21.68
C GLU B 195 -18.17 14.38 -22.52
N ASN B 196 -17.49 13.31 -22.98
CA ASN B 196 -18.15 12.25 -23.76
C ASN B 196 -19.07 11.37 -22.90
N GLY B 197 -19.08 11.62 -21.59
CA GLY B 197 -19.98 10.93 -20.70
C GLY B 197 -19.36 9.80 -19.93
N GLU B 198 -18.17 9.36 -20.37
CA GLU B 198 -17.48 8.28 -19.67
C GLU B 198 -17.01 8.64 -18.26
N ILE B 199 -17.15 7.68 -17.34
CA ILE B 199 -16.56 7.79 -16.00
C ILE B 199 -15.58 6.62 -15.91
N VAL B 200 -14.29 6.96 -15.88
CA VAL B 200 -13.21 5.98 -16.06
C VAL B 200 -12.47 5.72 -14.77
N ASN B 201 -12.28 4.45 -14.47
CA ASN B 201 -11.63 4.06 -13.23
C ASN B 201 -10.11 4.20 -13.36
N ALA B 202 -9.47 4.81 -12.36
CA ALA B 202 -8.05 5.12 -12.47
C ALA B 202 -7.17 3.87 -12.39
N LYS B 203 -7.63 2.88 -11.62
CA LYS B 203 -6.85 1.66 -11.45
C LYS B 203 -6.89 0.76 -12.69
N SER B 204 -8.07 0.54 -13.25
CA SER B 204 -8.23 -0.40 -14.38
C SER B 204 -8.27 0.27 -15.77
N GLY B 205 -8.57 1.58 -15.80
CA GLY B 205 -8.79 2.28 -17.04
C GLY B 205 -10.08 1.89 -17.72
N MET B 206 -10.97 1.18 -17.00
CA MET B 206 -12.25 0.77 -17.58
C MET B 206 -13.41 1.68 -17.12
N CYS B 207 -14.59 1.42 -17.65
CA CYS B 207 -15.71 2.35 -17.55
C CYS B 207 -16.78 1.96 -16.53
N LEU B 208 -17.38 2.97 -15.91
CA LEU B 208 -18.57 2.76 -15.10
C LEU B 208 -19.69 2.35 -16.04
N ASP B 209 -20.23 1.16 -15.76
CA ASP B 209 -21.05 0.44 -16.73
C ASP B 209 -22.32 -0.08 -16.06
N VAL B 210 -23.42 -0.14 -16.81
CA VAL B 210 -24.61 -0.87 -16.36
C VAL B 210 -24.67 -2.23 -17.09
N GLU B 211 -25.03 -3.29 -16.36
CA GLU B 211 -25.20 -4.63 -16.95
C GLU B 211 -26.11 -4.57 -18.16
N GLY B 212 -25.77 -5.30 -19.22
CA GLY B 212 -26.56 -5.25 -20.46
C GLY B 212 -26.35 -3.98 -21.26
N SER B 213 -27.40 -3.55 -21.97
CA SER B 213 -27.33 -2.36 -22.84
C SER B 213 -28.39 -1.28 -22.58
N ASP B 214 -29.43 -1.59 -21.78
CA ASP B 214 -30.57 -0.67 -21.66
C ASP B 214 -30.42 0.39 -20.56
N GLY B 215 -29.34 0.31 -19.79
CA GLY B 215 -29.06 1.32 -18.74
C GLY B 215 -29.83 1.10 -17.45
N SER B 216 -30.47 -0.05 -17.33
CA SER B 216 -31.23 -0.40 -16.13
C SER B 216 -30.65 -1.62 -15.46
N GLY B 217 -30.15 -1.47 -14.25
CA GLY B 217 -29.64 -2.63 -13.52
C GLY B 217 -28.33 -2.42 -12.81
N ASN B 218 -27.60 -3.52 -12.59
CA ASN B 218 -26.48 -3.48 -11.69
C ASN B 218 -25.32 -2.72 -12.33
N VAL B 219 -24.63 -1.91 -11.52
CA VAL B 219 -23.50 -1.13 -11.99
C VAL B 219 -22.19 -1.80 -11.58
N GLY B 220 -21.27 -1.89 -12.54
CA GLY B 220 -19.91 -2.36 -12.27
C GLY B 220 -18.91 -1.62 -13.15
N ILE B 221 -17.69 -2.14 -13.21
CA ILE B 221 -16.69 -1.61 -14.12
C ILE B 221 -16.47 -2.62 -15.26
N TYR B 222 -16.54 -2.15 -16.49
CA TYR B 222 -16.44 -3.04 -17.66
C TYR B 222 -15.67 -2.33 -18.76
N ARG B 223 -15.22 -3.11 -19.72
CA ARG B 223 -14.53 -2.55 -20.90
C ARG B 223 -15.32 -1.39 -21.48
N CYS B 224 -14.63 -0.27 -21.69
CA CYS B 224 -15.29 0.87 -22.33
C CYS B 224 -15.72 0.49 -23.76
N ASP B 225 -17.01 0.60 -24.06
CA ASP B 225 -17.56 0.07 -25.31
C ASP B 225 -18.28 1.10 -26.19
N ASP B 226 -18.24 2.36 -25.78
CA ASP B 226 -18.76 3.53 -26.56
C ASP B 226 -20.28 3.60 -26.57
N LEU B 227 -20.93 2.71 -25.83
CA LEU B 227 -22.38 2.64 -25.81
C LEU B 227 -23.00 3.65 -24.84
N ARG B 228 -24.26 3.99 -25.10
CA ARG B 228 -24.94 5.05 -24.37
C ARG B 228 -25.14 4.74 -22.89
N ASP B 229 -25.20 3.45 -22.52
CA ASP B 229 -25.33 3.07 -21.11
C ASP B 229 -24.05 3.27 -20.31
N GLN B 230 -22.95 3.62 -20.98
CA GLN B 230 -21.72 3.98 -20.27
C GLN B 230 -21.52 5.50 -20.30
N MET B 231 -22.53 6.24 -20.76
CA MET B 231 -22.50 7.69 -20.73
C MET B 231 -23.39 8.20 -19.58
N TRP B 232 -22.85 9.17 -18.85
CA TRP B 232 -23.47 9.70 -17.64
C TRP B 232 -23.55 11.22 -17.72
N SER B 233 -24.69 11.79 -17.32
CA SER B 233 -24.78 13.26 -17.23
C SER B 233 -24.79 13.65 -15.75
N ARG B 234 -24.42 14.89 -15.46
CA ARG B 234 -24.39 15.39 -14.08
C ARG B 234 -25.09 16.75 -14.10
N PRO B 235 -26.41 16.74 -14.24
CA PRO B 235 -27.13 18.00 -14.46
C PRO B 235 -27.20 18.87 -13.21
N ASN B 236 -27.02 20.18 -13.40
CA ASN B 236 -27.16 21.12 -12.29
C ASN B 236 -28.44 20.89 -11.46
N ALA B 237 -29.54 20.56 -12.14
CA ALA B 237 -30.84 20.45 -11.47
C ALA B 237 -30.85 19.44 -10.34
N TYR B 238 -30.01 18.41 -10.44
CA TYR B 238 -30.00 17.31 -9.49
C TYR B 238 -28.94 17.46 -8.40
N CYS B 239 -28.29 18.63 -8.37
CA CYS B 239 -27.23 18.89 -7.41
C CYS B 239 -27.79 19.53 -6.15
N ASN B 240 -27.08 19.31 -5.05
CA ASN B 240 -27.29 19.96 -3.77
C ASN B 240 -25.90 20.44 -3.35
N GLY B 241 -25.55 21.67 -3.71
CA GLY B 241 -24.18 22.16 -3.49
C GLY B 241 -23.17 21.41 -4.33
N ASP B 242 -22.20 20.76 -3.69
CA ASP B 242 -21.21 19.97 -4.42
C ASP B 242 -21.57 18.47 -4.56
N TYR B 243 -22.73 18.08 -4.04
CA TYR B 243 -23.24 16.70 -4.19
C TYR B 243 -24.22 16.66 -5.36
N CYS B 244 -23.93 15.83 -6.35
CA CYS B 244 -24.77 15.76 -7.55
C CYS B 244 -25.13 14.33 -7.92
N SER B 245 -26.23 14.17 -8.66
CA SER B 245 -26.67 12.88 -9.21
C SER B 245 -26.01 12.64 -10.55
N PHE B 246 -25.84 11.36 -10.93
CA PHE B 246 -25.37 10.99 -12.25
C PHE B 246 -26.49 10.24 -12.90
N LEU B 247 -26.96 10.76 -14.04
CA LEU B 247 -28.05 10.14 -14.79
C LEU B 247 -27.51 9.40 -15.99
N ASN B 248 -27.95 8.16 -16.13
CA ASN B 248 -27.51 7.34 -17.24
C ASN B 248 -28.15 7.83 -18.56
N LYS B 249 -27.34 8.02 -19.59
CA LYS B 249 -27.88 8.57 -20.84
C LYS B 249 -28.83 7.62 -21.57
N GLU B 250 -28.63 6.32 -21.43
CA GLU B 250 -29.50 5.35 -22.10
C GLU B 250 -30.88 5.25 -21.44
N SER B 251 -30.90 5.13 -20.12
CA SER B 251 -32.15 4.88 -19.38
C SER B 251 -32.74 6.12 -18.70
N ASN B 252 -31.92 7.17 -18.58
CA ASN B 252 -32.29 8.35 -17.79
C ASN B 252 -32.48 8.04 -16.30
N LYS B 253 -31.98 6.88 -15.86
CA LYS B 253 -32.05 6.50 -14.45
C LYS B 253 -30.82 7.02 -13.70
N CYS B 254 -30.98 7.22 -12.40
CA CYS B 254 -29.92 7.74 -11.56
C CYS B 254 -28.98 6.63 -11.11
N LEU B 255 -27.69 6.95 -11.03
CA LEU B 255 -26.77 6.10 -10.28
C LEU B 255 -27.32 6.02 -8.85
N ASP B 256 -27.52 4.79 -8.36
CA ASP B 256 -28.32 4.56 -7.14
C ASP B 256 -27.65 3.58 -6.17
N VAL B 257 -27.87 3.78 -4.87
CA VAL B 257 -27.47 2.82 -3.85
C VAL B 257 -28.77 2.15 -3.40
N SER B 258 -28.75 0.82 -3.32
CA SER B 258 -29.93 0.07 -2.88
C SER B 258 -30.46 0.62 -1.56
N GLY B 259 -31.78 0.73 -1.48
CA GLY B 259 -32.43 1.28 -0.27
C GLY B 259 -32.18 2.75 -0.15
N ASP B 260 -32.00 3.23 1.07
CA ASP B 260 -31.87 4.66 1.28
C ASP B 260 -30.81 5.06 2.29
N GLN B 261 -30.00 4.10 2.76
CA GLN B 261 -28.98 4.38 3.77
C GLN B 261 -27.59 4.69 3.20
N GLY B 262 -27.45 4.51 1.89
CA GLY B 262 -26.19 4.80 1.21
C GLY B 262 -25.10 3.79 1.48
N THR B 263 -25.48 2.57 1.87
CA THR B 263 -24.48 1.60 2.33
C THR B 263 -24.27 0.35 1.48
N GLY B 264 -25.23 0.04 0.63
CA GLY B 264 -25.25 -1.24 -0.09
C GLY B 264 -24.73 -1.18 -1.51
N ASP B 265 -25.28 -2.08 -2.33
CA ASP B 265 -24.86 -2.29 -3.72
C ASP B 265 -25.31 -1.13 -4.58
N VAL B 266 -24.57 -0.91 -5.67
CA VAL B 266 -24.85 0.21 -6.58
C VAL B 266 -25.38 -0.28 -7.91
N GLY B 267 -26.45 0.37 -8.37
CA GLY B 267 -27.05 0.08 -9.68
C GLY B 267 -27.62 1.34 -10.30
N THR B 268 -28.51 1.20 -11.27
CA THR B 268 -29.33 2.35 -11.67
C THR B 268 -30.79 2.13 -11.29
N TRP B 269 -31.44 3.24 -10.96
CA TRP B 269 -32.82 3.23 -10.51
C TRP B 269 -33.46 4.55 -10.84
N GLN B 270 -34.79 4.55 -10.97
CA GLN B 270 -35.58 5.78 -11.05
C GLN B 270 -35.00 6.81 -10.08
N CYS B 271 -34.76 8.01 -10.59
CA CYS B 271 -34.29 9.10 -9.73
C CYS B 271 -35.39 9.39 -8.71
N ASP B 272 -34.98 9.64 -7.48
CA ASP B 272 -35.98 9.86 -6.42
C ASP B 272 -35.64 11.03 -5.50
N GLY B 273 -34.57 11.76 -5.84
CA GLY B 273 -34.22 12.98 -5.10
C GLY B 273 -33.59 12.77 -3.73
N LEU B 274 -33.40 11.52 -3.32
CA LEU B 274 -32.88 11.17 -1.98
C LEU B 274 -31.36 11.35 -1.94
N PRO B 275 -30.79 11.70 -0.75
CA PRO B 275 -29.35 11.97 -0.65
C PRO B 275 -28.45 10.80 -1.04
N ASP B 276 -28.93 9.55 -0.95
CA ASP B 276 -28.08 8.42 -1.38
C ASP B 276 -27.88 8.38 -2.91
N GLN B 277 -28.65 9.19 -3.64
CA GLN B 277 -28.41 9.35 -5.09
C GLN B 277 -27.56 10.58 -5.47
N ARG B 278 -26.86 11.14 -4.49
CA ARG B 278 -25.94 12.28 -4.77
C ARG B 278 -24.53 11.98 -4.24
N PHE B 279 -23.50 12.43 -4.98
CA PHE B 279 -22.11 12.15 -4.68
C PHE B 279 -21.28 13.40 -4.93
N LYS B 280 -20.25 13.61 -4.10
CA LYS B 280 -19.32 14.73 -4.25
C LYS B 280 -17.96 14.22 -4.70
N TRP B 281 -17.31 14.93 -5.62
CA TRP B 281 -15.90 14.66 -5.95
C TRP B 281 -14.94 15.06 -4.83
N VAL B 282 -14.11 14.10 -4.43
CA VAL B 282 -13.17 14.35 -3.33
C VAL B 282 -11.79 14.27 -3.93
N PHE B 283 -11.10 15.40 -3.94
CA PHE B 283 -9.75 15.48 -4.49
C PHE B 283 -8.99 16.62 -3.81
N ASP B 284 -7.66 16.63 -3.96
CA ASP B 284 -6.81 17.70 -3.45
C ASP B 284 -6.59 18.74 -4.53
N ASP B 285 -6.52 20.00 -4.10
CA ASP B 285 -6.29 21.14 -4.95
C ASP B 285 -4.82 21.22 -5.39
N TRP B 286 -4.60 21.21 -6.71
CA TRP B 286 -3.28 21.51 -7.27
C TRP B 286 -3.41 22.66 -8.29
N GLU B 287 -2.43 23.55 -8.27
CA GLU B 287 -2.44 24.71 -9.16
C GLU B 287 -2.40 24.27 -10.62
N VAL B 288 -3.11 25.01 -11.47
CA VAL B 288 -3.06 24.80 -12.92
C VAL B 288 -1.59 24.74 -13.33
N PRO B 289 -1.16 23.59 -13.88
CA PRO B 289 0.26 23.43 -14.27
C PRO B 289 0.68 24.38 -15.38
N THR B 290 1.95 24.76 -15.36
CA THR B 290 2.50 25.62 -16.37
C THR B 290 3.62 24.94 -17.08
N ALA B 291 3.63 25.06 -18.40
CA ALA B 291 4.67 24.46 -19.23
C ALA B 291 5.66 25.52 -19.70
N THR B 292 6.94 25.18 -19.61
CA THR B 292 8.02 26.01 -20.16
C THR B 292 9.08 25.09 -20.79
N TRP B 293 10.05 25.69 -21.48
CA TRP B 293 11.17 24.98 -22.11
C TRP B 293 12.49 25.43 -21.50
N ASN B 294 13.32 24.46 -21.10
CA ASN B 294 14.68 24.74 -20.60
C ASN B 294 15.72 24.34 -21.63
N MET B 295 16.71 25.20 -21.82
CA MET B 295 17.79 24.93 -22.76
C MET B 295 18.66 23.80 -22.21
N VAL B 296 18.91 22.78 -23.02
CA VAL B 296 19.75 21.63 -22.65
C VAL B 296 21.19 21.83 -23.16
N GLY B 297 21.29 22.42 -24.35
CA GLY B 297 22.57 22.75 -24.97
C GLY B 297 22.34 23.36 -26.34
N CYS B 298 23.33 24.11 -26.82
CA CYS B 298 23.29 24.66 -28.16
C CYS B 298 24.60 24.33 -28.87
N ASP B 299 24.54 24.27 -30.19
CA ASP B 299 25.72 24.14 -31.03
C ASP B 299 25.54 25.06 -32.21
N GLN B 300 26.31 26.14 -32.28
CA GLN B 300 26.18 27.09 -33.40
C GLN B 300 26.78 26.61 -34.70
N ASN B 301 27.46 25.46 -34.69
CA ASN B 301 28.01 24.98 -35.95
C ASN B 301 27.91 23.48 -36.17
N GLY B 302 26.92 22.85 -35.56
CA GLY B 302 26.63 21.46 -35.83
C GLY B 302 25.43 21.00 -35.04
N LYS B 303 25.27 19.68 -34.96
CA LYS B 303 24.16 19.09 -34.22
C LYS B 303 24.41 19.12 -32.72
N VAL B 304 23.34 19.18 -31.94
CA VAL B 304 23.42 19.11 -30.49
C VAL B 304 23.06 17.69 -30.04
N SER B 305 23.85 17.14 -29.12
CA SER B 305 23.62 15.79 -28.60
C SER B 305 23.87 15.80 -27.10
N GLN B 306 23.03 15.09 -26.34
CA GLN B 306 22.97 15.29 -24.91
C GLN B 306 22.26 14.11 -24.27
N GLN B 307 22.60 13.81 -23.01
CA GLN B 307 21.80 12.87 -22.22
C GLN B 307 20.56 13.56 -21.69
N ILE B 308 19.42 12.91 -21.93
CA ILE B 308 18.11 13.42 -21.53
C ILE B 308 17.53 12.45 -20.51
N SER B 309 17.14 12.97 -19.36
CA SER B 309 16.51 12.16 -18.32
C SER B 309 15.10 12.65 -18.05
N ASN B 310 14.24 11.72 -17.60
CA ASN B 310 12.95 12.08 -17.01
C ASN B 310 13.20 12.32 -15.52
N THR B 311 13.05 13.56 -15.08
CA THR B 311 13.24 13.86 -13.67
C THR B 311 12.04 14.53 -13.02
N ILE B 312 11.82 14.21 -11.75
CA ILE B 312 10.73 14.82 -10.99
C ILE B 312 11.27 15.32 -9.67
N SER B 313 10.93 16.55 -9.33
CA SER B 313 11.34 17.09 -8.04
C SER B 313 10.11 17.51 -7.20
N PHE B 314 10.09 17.05 -5.95
CA PHE B 314 8.96 17.29 -5.06
C PHE B 314 9.49 17.10 -3.63
N SER B 315 8.88 17.78 -2.67
CA SER B 315 9.24 17.70 -1.22
C SER B 315 9.09 16.29 -0.63
N SER B 316 8.10 15.53 -1.11
CA SER B 316 7.88 14.15 -0.66
C SER B 316 7.85 13.12 -1.79
N THR B 317 7.62 11.86 -1.45
CA THR B 317 7.55 10.77 -2.44
C THR B 317 6.39 10.98 -3.41
N VAL B 318 6.65 10.77 -4.70
CA VAL B 318 5.58 10.78 -5.70
C VAL B 318 4.92 9.40 -5.65
N THR B 319 3.96 9.26 -4.73
CA THR B 319 3.20 8.02 -4.57
C THR B 319 2.17 7.87 -5.70
N ALA B 320 1.54 6.71 -5.80
CA ALA B 320 0.46 6.50 -6.77
C ALA B 320 -0.66 7.53 -6.56
N GLY B 321 -0.93 7.85 -5.30
CA GLY B 321 -1.89 8.89 -4.92
C GLY B 321 -1.54 10.24 -5.51
N VAL B 322 -0.30 10.67 -5.32
CA VAL B 322 0.16 11.96 -5.85
C VAL B 322 0.13 11.94 -7.37
N ALA B 323 0.53 10.82 -7.96
CA ALA B 323 0.58 10.71 -9.40
C ALA B 323 -0.84 10.83 -10.00
N VAL B 324 -1.84 10.23 -9.36
CA VAL B 324 -3.22 10.29 -9.92
C VAL B 324 -3.78 11.71 -9.84
N GLU B 325 -3.48 12.38 -8.73
CA GLU B 325 -3.83 13.77 -8.44
C GLU B 325 -3.23 14.63 -9.57
N VAL B 326 -1.94 14.43 -9.82
CA VAL B 326 -1.22 15.24 -10.81
C VAL B 326 -1.72 14.95 -12.23
N SER B 327 -1.93 13.67 -12.56
CA SER B 327 -2.43 13.30 -13.90
C SER B 327 -3.75 14.01 -14.14
N SER B 328 -4.63 13.91 -13.15
CA SER B 328 -5.98 14.43 -13.29
C SER B 328 -5.97 15.94 -13.39
N THR B 329 -5.09 16.58 -12.62
CA THR B 329 -4.92 18.04 -12.68
C THR B 329 -4.42 18.50 -14.06
N ILE B 330 -3.41 17.84 -14.58
CA ILE B 330 -2.88 18.14 -15.93
C ILE B 330 -4.00 18.02 -16.96
N GLU B 331 -4.75 16.92 -16.89
CA GLU B 331 -5.78 16.75 -17.90
C GLU B 331 -6.84 17.87 -17.94
N LYS B 332 -7.12 18.47 -16.79
CA LYS B 332 -8.10 19.52 -16.65
C LYS B 332 -7.69 20.82 -17.35
N GLY B 333 -6.39 21.07 -17.43
CA GLY B 333 -5.89 22.25 -18.12
C GLY B 333 -4.45 22.59 -17.76
N VAL B 334 -3.70 23.05 -18.76
CA VAL B 334 -2.31 23.46 -18.61
C VAL B 334 -2.15 24.83 -19.31
N ILE B 335 -1.32 25.69 -18.72
CA ILE B 335 -0.99 27.01 -19.31
C ILE B 335 0.33 26.95 -20.03
N PHE B 336 0.34 27.45 -21.27
CA PHE B 336 1.59 27.68 -21.97
C PHE B 336 1.58 29.10 -22.56
N ALA B 337 2.62 29.89 -22.26
CA ALA B 337 2.72 31.27 -22.79
C ALA B 337 1.39 32.03 -22.58
N LYS B 338 0.89 31.97 -21.34
CA LYS B 338 -0.33 32.67 -20.90
C LYS B 338 -1.67 32.07 -21.36
N ALA B 339 -1.64 31.10 -22.25
CA ALA B 339 -2.89 30.58 -22.82
C ALA B 339 -3.11 29.11 -22.46
N THR B 340 -4.37 28.72 -22.46
CA THR B 340 -4.70 27.32 -22.28
C THR B 340 -4.29 26.54 -23.52
N VAL B 341 -4.07 25.24 -23.36
CA VAL B 341 -3.76 24.41 -24.50
C VAL B 341 -4.97 23.55 -24.81
N SER B 342 -4.97 22.98 -26.01
CA SER B 342 -6.07 22.16 -26.49
C SER B 342 -6.26 20.86 -25.70
N VAL B 343 -7.43 20.25 -25.89
CA VAL B 343 -7.81 19.04 -25.19
C VAL B 343 -6.80 17.94 -25.52
N LYS B 344 -6.37 17.86 -26.77
CA LYS B 344 -5.44 16.78 -27.11
C LYS B 344 -4.09 16.97 -26.44
N VAL B 345 -3.67 18.22 -26.22
CA VAL B 345 -2.41 18.47 -25.48
C VAL B 345 -2.52 18.03 -24.02
N THR B 346 -3.61 18.39 -23.34
CA THR B 346 -3.71 17.97 -21.95
C THR B 346 -3.95 16.46 -21.80
N ALA B 347 -4.68 15.83 -22.74
CA ALA B 347 -4.90 14.38 -22.64
C ALA B 347 -3.56 13.69 -22.84
N SER B 348 -2.80 14.15 -23.84
CA SER B 348 -1.54 13.50 -24.16
C SER B 348 -0.51 13.74 -23.06
N LEU B 349 -0.43 14.95 -22.53
CA LEU B 349 0.52 15.23 -21.44
C LEU B 349 0.22 14.38 -20.19
N SER B 350 -1.09 14.23 -19.89
CA SER B 350 -1.54 13.43 -18.77
C SER B 350 -1.08 11.99 -18.93
N LYS B 351 -1.22 11.48 -20.14
CA LYS B 351 -0.82 10.11 -20.45
C LYS B 351 0.70 9.96 -20.35
N ALA B 352 1.43 10.96 -20.86
CA ALA B 352 2.90 10.98 -20.76
C ALA B 352 3.34 10.95 -19.28
N TRP B 353 2.67 11.73 -18.44
CA TRP B 353 2.98 11.77 -17.00
C TRP B 353 2.79 10.40 -16.36
N THR B 354 1.66 9.76 -16.68
CA THR B 354 1.31 8.47 -16.09
C THR B 354 2.34 7.44 -16.53
N ASN B 355 2.72 7.49 -17.81
CA ASN B 355 3.67 6.55 -18.39
C ASN B 355 5.11 6.85 -18.01
N SER B 356 5.33 7.95 -17.28
CA SER B 356 6.65 8.40 -16.80
C SER B 356 6.96 7.95 -15.35
N GLN B 357 6.04 7.22 -14.73
CA GLN B 357 6.16 6.94 -13.30
C GLN B 357 7.06 5.75 -13.02
N SER B 358 7.22 4.90 -14.02
CA SER B 358 7.88 3.64 -13.80
C SER B 358 8.95 3.10 -14.74
N GLY B 359 10.18 3.63 -14.85
CA GLY B 359 10.60 4.81 -15.61
C GLY B 359 11.10 4.11 -16.90
N THR B 360 11.86 4.71 -17.84
CA THR B 360 12.83 5.84 -17.72
C THR B 360 14.00 5.41 -16.82
N THR B 361 15.29 5.28 -17.15
CA THR B 361 16.28 5.60 -18.23
C THR B 361 16.01 6.67 -19.28
N ALA B 362 16.69 7.82 -19.34
CA ALA B 362 18.12 8.14 -19.53
C ALA B 362 18.55 7.69 -20.92
N ILE B 363 18.50 8.63 -21.85
CA ILE B 363 18.74 8.37 -23.27
C ILE B 363 19.76 9.38 -23.78
N THR B 364 20.50 8.99 -24.81
CA THR B 364 21.28 9.95 -25.58
C THR B 364 20.38 10.40 -26.71
N TYR B 365 20.16 11.70 -26.81
CA TYR B 365 19.38 12.23 -27.91
C TYR B 365 20.19 13.22 -28.74
N THR B 366 20.05 13.12 -30.06
CA THR B 366 20.71 14.02 -30.98
C THR B 366 19.66 14.78 -31.80
N CYS B 367 19.82 16.09 -31.90
CA CYS B 367 18.99 16.88 -32.79
C CYS B 367 19.45 16.68 -34.23
N ASP B 368 18.81 15.75 -34.93
CA ASP B 368 19.10 15.50 -36.35
C ASP B 368 18.29 16.43 -37.26
N ASN B 369 17.10 16.81 -36.78
CA ASN B 369 16.23 17.71 -37.53
C ASN B 369 15.62 18.73 -36.56
N TYR B 370 15.32 19.91 -37.09
CA TYR B 370 14.49 20.85 -36.32
C TYR B 370 13.12 20.24 -36.14
N ASP B 371 12.41 20.72 -35.11
CA ASP B 371 11.05 20.28 -34.82
C ASP B 371 10.15 20.51 -36.03
N SER B 372 10.48 21.51 -36.84
CA SER B 372 9.73 21.82 -38.07
C SER B 372 10.03 20.90 -39.27
N ASP B 373 11.12 20.12 -39.18
CA ASP B 373 11.45 18.97 -40.09
C ASP B 373 12.77 19.12 -40.89
N GLU B 374 13.23 20.35 -41.08
CA GLU B 374 14.44 20.60 -41.87
C GLU B 374 15.67 20.04 -41.13
N GLU B 375 16.71 19.68 -41.88
CA GLU B 375 17.98 19.21 -41.32
C GLU B 375 18.54 20.20 -40.29
N PHE B 376 18.90 19.70 -39.11
CA PHE B 376 19.47 20.52 -38.04
C PHE B 376 20.95 20.74 -38.33
N THR B 377 21.36 22.00 -38.54
CA THR B 377 22.77 22.33 -38.83
C THR B 377 23.39 23.22 -37.73
N ARG B 378 22.53 23.73 -36.85
CA ARG B 378 22.95 24.53 -35.71
C ARG B 378 21.70 24.85 -34.91
N GLY B 379 21.86 25.14 -33.64
CA GLY B 379 20.73 25.57 -32.81
C GLY B 379 20.78 24.99 -31.42
N CYS B 380 19.61 24.90 -30.78
CA CYS B 380 19.51 24.50 -29.40
C CYS B 380 18.51 23.36 -29.23
N MET B 381 18.76 22.58 -28.18
CA MET B 381 17.89 21.51 -27.74
C MET B 381 17.21 22.02 -26.48
N TRP B 382 15.90 21.82 -26.42
CA TRP B 382 15.07 22.35 -25.35
C TRP B 382 14.32 21.20 -24.73
N GLN B 383 14.26 21.15 -23.41
CA GLN B 383 13.52 20.11 -22.69
C GLN B 383 12.34 20.69 -21.92
N LEU B 384 11.19 20.01 -22.01
CA LEU B 384 9.99 20.47 -21.36
C LEU B 384 10.13 20.53 -19.82
N ALA B 385 9.52 21.53 -19.20
CA ALA B 385 9.30 21.53 -17.75
C ALA B 385 7.82 21.80 -17.48
N ILE B 386 7.24 20.98 -16.63
CA ILE B 386 5.87 21.18 -16.16
C ILE B 386 5.92 21.44 -14.64
N GLU B 387 5.32 22.53 -14.20
CA GLU B 387 5.34 22.96 -12.79
C GLU B 387 3.94 23.07 -12.24
N THR B 388 3.73 22.46 -11.07
CA THR B 388 2.47 22.64 -10.33
C THR B 388 2.78 22.71 -8.84
N THR B 389 1.79 23.06 -8.04
CA THR B 389 1.94 23.20 -6.59
C THR B 389 0.73 22.56 -5.91
N GLU B 390 1.01 21.76 -4.88
CA GLU B 390 -0.04 21.21 -4.07
C GLU B 390 -0.50 22.30 -3.12
N VAL B 391 -1.76 22.72 -3.25
CA VAL B 391 -2.26 23.89 -2.53
C VAL B 391 -2.21 23.71 -0.99
N LYS B 392 -2.63 22.55 -0.48
CA LYS B 392 -2.70 22.34 0.99
C LYS B 392 -1.33 22.48 1.70
N SER B 393 -0.25 22.17 0.98
CA SER B 393 1.09 22.18 1.56
C SER B 393 1.96 23.35 1.08
N GLY B 394 1.67 23.84 -0.13
CA GLY B 394 2.50 24.85 -0.78
C GLY B 394 3.69 24.24 -1.49
N ASP B 395 3.71 22.90 -1.57
CA ASP B 395 4.85 22.20 -2.16
C ASP B 395 4.85 22.23 -3.69
N LEU B 396 5.98 22.66 -4.25
CA LEU B 396 6.18 22.72 -5.70
C LEU B 396 6.62 21.39 -6.30
N LEU B 397 6.00 21.01 -7.41
CA LEU B 397 6.39 19.82 -8.14
C LEU B 397 6.85 20.28 -9.50
N VAL B 398 8.05 19.87 -9.87
CA VAL B 398 8.57 20.17 -11.20
C VAL B 398 8.88 18.86 -11.91
N TRP B 399 8.26 18.67 -13.07
CA TRP B 399 8.44 17.47 -13.90
C TRP B 399 9.21 17.84 -15.19
N ASN B 400 10.34 17.16 -15.45
CA ASN B 400 11.07 17.35 -16.69
C ASN B 400 11.05 16.05 -17.47
N PRO B 401 10.01 15.84 -18.29
CA PRO B 401 9.98 14.58 -19.07
C PRO B 401 10.97 14.56 -20.22
N GLN B 402 11.10 13.41 -20.85
CA GLN B 402 11.94 13.25 -22.03
C GLN B 402 11.17 13.70 -23.26
N ILE B 403 10.76 14.97 -23.21
CA ILE B 403 10.04 15.64 -24.29
C ILE B 403 10.92 16.83 -24.67
N VAL B 404 11.29 16.87 -25.94
CA VAL B 404 12.34 17.76 -26.42
C VAL B 404 11.87 18.49 -27.68
N LYS B 405 12.30 19.74 -27.86
CA LYS B 405 12.21 20.40 -29.15
C LYS B 405 13.61 20.84 -29.59
N CYS B 406 13.94 20.54 -30.85
CA CYS B 406 15.14 21.02 -31.51
C CYS B 406 14.78 22.23 -32.36
N THR B 407 15.43 23.35 -32.09
CA THR B 407 15.18 24.58 -32.86
C THR B 407 16.46 25.29 -33.26
N ARG B 408 16.33 26.24 -34.19
CA ARG B 408 17.49 26.95 -34.75
C ARG B 408 17.91 28.12 -33.84
N SER B 409 17.15 28.33 -32.76
CA SER B 409 17.19 29.59 -32.05
C SER B 409 17.54 29.45 -30.56
N ASN B 410 18.24 30.45 -30.01
CA ASN B 410 18.50 30.53 -28.57
C ASN B 410 17.30 31.05 -27.81
N THR B 411 16.23 31.40 -28.54
CA THR B 411 14.96 31.82 -27.94
C THR B 411 14.18 30.54 -27.69
N ALA B 412 13.57 30.41 -26.52
CA ALA B 412 12.73 29.23 -26.19
C ALA B 412 11.63 29.04 -27.23
N PRO B 413 11.30 27.77 -27.55
CA PRO B 413 10.17 27.51 -28.45
C PRO B 413 8.92 28.29 -28.08
N GLY B 414 8.25 28.75 -29.11
CA GLY B 414 6.99 29.47 -28.92
C GLY B 414 5.79 28.54 -29.04
N CYS B 415 6.01 27.24 -28.85
CA CYS B 415 4.95 26.23 -29.04
C CYS B 415 4.90 25.30 -27.86
N ALA B 416 3.68 24.94 -27.45
CA ALA B 416 3.45 24.02 -26.36
C ALA B 416 3.92 22.60 -26.71
N PRO B 417 4.18 21.75 -25.69
CA PRO B 417 4.44 20.34 -26.00
C PRO B 417 3.22 19.77 -26.70
N PHE B 418 3.40 18.69 -27.49
CA PHE B 418 2.31 18.07 -28.30
C PHE B 418 1.72 19.03 -29.35
N THR B 419 2.46 20.08 -29.68
CA THR B 419 2.17 20.89 -30.86
C THR B 419 3.47 21.01 -31.63
N LYS B 420 3.40 21.37 -32.91
CA LYS B 420 4.56 21.28 -33.80
C LYS B 420 5.12 22.67 -34.13
N CYS B 421 6.43 22.87 -33.97
CA CYS B 421 7.04 24.10 -34.47
C CYS B 421 6.76 24.25 -35.98
N ALA B 422 6.23 25.40 -36.39
CA ALA B 422 5.96 25.65 -37.83
C ALA B 422 7.17 26.08 -38.67
N ASN B 423 8.23 26.55 -38.01
CA ASN B 423 9.45 27.01 -38.67
C ASN B 423 10.65 26.63 -37.81
N GLU B 424 11.84 26.81 -38.37
CA GLU B 424 13.07 26.37 -37.71
C GLU B 424 13.31 27.06 -36.38
N ASP B 425 12.99 28.35 -36.30
CA ASP B 425 13.16 29.09 -35.05
C ASP B 425 12.04 28.83 -34.06
N CYS B 426 10.98 28.17 -34.55
CA CYS B 426 9.80 27.83 -33.75
C CYS B 426 9.10 29.06 -33.14
N THR B 427 8.70 30.00 -34.01
CA THR B 427 8.03 31.23 -33.55
C THR B 427 6.49 31.13 -33.63
N PHE B 428 6.00 30.14 -34.36
CA PHE B 428 4.59 29.80 -34.35
C PHE B 428 4.42 28.32 -34.53
N CYS B 429 3.18 27.85 -34.46
CA CYS B 429 2.91 26.42 -34.32
C CYS B 429 1.86 25.90 -35.27
N THR B 430 1.95 24.62 -35.57
CA THR B 430 0.87 23.86 -36.21
C THR B 430 0.50 22.69 -35.30
N ASP B 431 -0.51 21.92 -35.73
CA ASP B 431 -0.96 20.75 -34.99
C ASP B 431 -1.26 21.12 -33.56
N ILE B 432 -1.99 22.21 -33.37
CA ILE B 432 -2.30 22.70 -32.02
C ILE B 432 -3.35 21.83 -31.33
O5 A2G C . 9.98 5.28 10.08
C1 A2G C . 9.49 5.99 11.22
O1 A2G C . 10.55 6.74 11.84
C2 A2G C . 8.90 5.00 12.24
N2 A2G C . 8.63 5.76 13.47
C3 A2G C . 9.93 3.92 12.58
O3 A2G C . 9.25 2.91 13.37
C4 A2G C . 10.54 3.29 11.32
O4 A2G C . 9.54 2.53 10.62
C5 A2G C . 11.04 4.35 10.33
C6 A2G C . 11.48 3.72 9.02
O6 A2G C . 12.23 4.65 8.24
C7 A2G C . 7.46 6.38 13.67
O7 A2G C . 6.56 6.37 12.86
C8 A2G C . 7.32 7.12 14.98
C1 NGA D . 22.63 -10.38 -2.58
C2 NGA D . 22.70 -11.21 -1.29
C3 NGA D . 21.48 -12.13 -1.21
C4 NGA D . 20.17 -11.34 -1.38
C5 NGA D . 20.24 -10.48 -2.63
C6 NGA D . 18.97 -9.63 -2.81
C7 NGA D . 25.00 -11.79 -0.69
C8 NGA D . 26.12 -12.78 -0.87
N2 NGA D . 23.89 -12.07 -1.37
O1 NGA D . 23.71 -9.44 -2.62
O3 NGA D . 21.45 -12.79 0.06
O4 NGA D . 19.93 -10.48 -0.25
O5 NGA D . 21.40 -9.65 -2.54
O6 NGA D . 19.19 -8.82 -3.97
O7 NGA D . 25.11 -10.80 0.01
C1 NGA E . 4.00 15.30 37.90
C2 NGA E . 3.37 13.91 37.83
C3 NGA E . 3.72 13.06 39.06
C4 NGA E . 5.23 13.09 39.28
C5 NGA E . 5.77 14.51 39.22
C6 NGA E . 7.29 14.53 39.39
C7 NGA E . 1.17 13.98 36.75
C8 NGA E . -0.31 14.06 36.98
N2 NGA E . 1.91 13.98 37.86
O1 NGA E . 3.72 15.96 36.69
O3 NGA E . 3.24 11.70 38.86
O4 NGA E . 5.88 12.35 38.24
O5 NGA E . 5.43 15.15 37.99
O6 NGA E . 7.74 15.88 39.44
O7 NGA E . 1.64 13.97 35.63
C1 NGA F . 22.12 8.76 25.45
C2 NGA F . 22.32 7.23 25.38
C3 NGA F . 20.97 6.49 25.45
C4 NGA F . 20.12 7.00 26.61
C5 NGA F . 20.02 8.52 26.57
C6 NGA F . 19.23 9.08 27.73
C7 NGA F . 24.16 6.44 23.95
C8 NGA F . 24.60 6.18 22.54
N2 NGA F . 22.90 6.91 24.08
O1 NGA F . 23.37 9.47 25.63
O3 NGA F . 21.17 5.10 25.65
O4 NGA F . 20.70 6.56 27.86
O5 NGA F . 21.34 9.09 26.61
O6 NGA F . 19.27 10.54 27.67
O7 NGA F . 24.92 6.24 24.90
O5 A2G G . 25.03 10.75 47.30
C1 A2G G . 25.45 10.45 48.65
O1 A2G G . 26.87 10.31 48.65
C2 A2G G . 24.73 9.17 49.15
N2 A2G G . 25.30 8.79 50.45
C3 A2G G . 24.86 7.99 48.20
O3 A2G G . 24.05 6.90 48.70
C4 A2G G . 24.48 8.43 46.76
O4 A2G G . 23.07 8.75 46.69
C5 A2G G . 25.22 9.69 46.34
C6 A2G G . 24.67 10.16 45.02
O6 A2G G . 25.52 11.22 44.56
C7 A2G G . 24.85 9.37 51.57
O7 A2G G . 23.97 10.23 51.53
C8 A2G G . 25.48 8.92 52.87
C1 NGA H . 10.37 -18.22 17.88
C2 NGA H . 10.08 -19.12 16.66
C3 NGA H . 8.98 -20.12 17.02
C4 NGA H . 9.33 -20.91 18.27
C5 NGA H . 9.63 -19.92 19.42
C6 NGA H . 9.99 -20.60 20.74
C7 NGA H . 8.44 -17.75 15.30
C8 NGA H . 8.30 -17.02 13.99
N2 NGA H . 9.64 -18.33 15.49
O1 NGA H . 11.46 -17.35 17.60
O3 NGA H . 8.75 -20.99 15.91
O4 NGA H . 10.48 -21.75 18.04
O5 NGA H . 10.67 -19.00 19.05
O6 NGA H . 9.98 -19.53 21.70
O7 NGA H . 7.51 -17.82 16.11
CA CA I . 7.85 1.27 12.09
CA CA J . 20.48 -11.62 1.97
CA CA K . 4.66 10.25 37.39
CA CA L . 21.64 4.20 28.04
CA CA M . 21.73 7.12 48.08
MG MG N . 10.64 -4.33 1.66
MG MG O . 16.77 10.32 37.38
O5 A2G P . -5.67 -10.42 -30.04
C1 A2G P . -5.83 -10.46 -28.60
O1 A2G P . -7.17 -10.89 -28.25
C2 A2G P . -5.53 -9.08 -28.00
N2 A2G P . -5.83 -9.10 -26.56
C3 A2G P . -6.43 -8.02 -28.65
O3 A2G P . -6.02 -6.70 -28.22
C4 A2G P . -6.34 -8.11 -30.18
O4 A2G P . -5.04 -7.68 -30.62
C5 A2G P . -6.59 -9.53 -30.69
C6 A2G P . -6.42 -9.61 -32.21
O6 A2G P . -7.02 -10.80 -32.72
C7 A2G P . -4.91 -9.43 -25.64
O7 A2G P . -3.78 -9.76 -25.95
C8 A2G P . -5.36 -9.39 -24.21
C1 NGA Q . -10.55 -3.42 -51.98
C2 NGA Q . -11.07 -2.11 -51.38
C3 NGA Q . -9.90 -1.12 -51.26
C4 NGA Q . -8.71 -1.75 -50.52
C5 NGA Q . -8.36 -3.12 -51.09
C6 NGA Q . -7.24 -3.82 -50.34
C7 NGA Q . -13.33 -1.55 -52.09
C8 NGA Q . -14.20 -0.83 -53.09
N2 NGA Q . -12.02 -1.47 -52.30
O1 NGA Q . -11.59 -4.38 -52.01
O3 NGA Q . -10.32 0.04 -50.54
O4 NGA Q . -9.06 -1.97 -49.15
O5 NGA Q . -9.52 -3.94 -51.11
O6 NGA Q . -6.99 -5.08 -50.98
O7 NGA Q . -13.81 -2.20 -51.19
C1 NGA R . -12.31 -5.81 -0.51
C2 NGA R . -11.57 -4.53 -0.90
C3 NGA R . -12.30 -3.26 -0.46
C4 NGA R . -13.76 -3.33 -0.91
C5 NGA R . -14.39 -4.65 -0.54
C6 NGA R . -15.81 -4.74 -1.09
C7 NGA R . -9.18 -4.84 -0.85
C8 NGA R . -7.92 -4.62 -0.07
N2 NGA R . -10.29 -4.42 -0.25
O1 NGA R . -11.67 -6.92 -1.11
O3 NGA R . -11.70 -2.10 -1.05
O4 NGA R . -13.80 -3.22 -2.33
O5 NGA R . -13.64 -5.75 -1.06
O6 NGA R . -16.38 -5.95 -0.55
O7 NGA R . -9.16 -5.39 -1.94
C1 NGA S . -23.20 -7.49 -20.64
C2 NGA S . -23.13 -6.19 -21.46
C3 NGA S . -21.85 -5.38 -21.18
C4 NGA S . -21.66 -5.23 -19.67
C5 NGA S . -21.74 -6.61 -19.00
C6 NGA S . -21.48 -6.52 -17.51
C7 NGA S . -24.23 -6.38 -23.64
C8 NGA S . -24.11 -6.88 -25.06
N2 NGA S . -23.16 -6.59 -22.85
O1 NGA S . -24.50 -8.11 -20.76
O3 NGA S . -21.90 -4.08 -21.75
O4 NGA S . -22.69 -4.38 -19.11
O5 NGA S . -23.00 -7.22 -19.26
O6 NGA S . -21.53 -7.81 -16.88
O7 NGA S . -25.25 -5.81 -23.28
O5 A2G T . -34.81 0.42 -3.59
C1 A2G T . -35.71 1.29 -2.86
O1 A2G T . -36.96 1.40 -3.55
C2 A2G T . -35.07 2.68 -2.71
N2 A2G T . -36.05 3.56 -2.05
C3 A2G T . -34.67 3.29 -4.06
O3 A2G T . -33.99 4.54 -3.86
C4 A2G T . -33.77 2.28 -4.82
O4 A2G T . -32.49 2.10 -4.18
C5 A2G T . -34.42 0.88 -4.90
C6 A2G T . -33.41 -0.11 -5.46
O6 A2G T . -34.09 -1.29 -5.92
C7 A2G T . -36.09 3.62 -0.71
O7 A2G T . -35.35 2.96 0.00
C8 A2G T . -37.12 4.54 -0.09
C1 NGA U . -6.73 14.03 -34.28
C2 NGA U . -5.93 14.33 -35.55
C3 NGA U . -4.95 15.48 -35.31
C4 NGA U . -5.71 16.71 -34.84
C5 NGA U . -6.56 16.36 -33.60
C6 NGA U . -7.44 17.51 -33.14
C7 NGA U . -4.03 12.68 -35.43
C8 NGA U . -3.46 11.49 -36.13
N2 NGA U . -5.15 13.17 -36.00
O1 NGA U . -7.70 13.02 -34.53
O3 NGA U . -4.26 15.72 -36.55
O4 NGA U . -6.56 17.09 -35.93
O5 NGA U . -7.41 15.23 -33.83
O6 NGA U . -7.86 17.18 -31.80
O7 NGA U . -3.49 13.16 -34.43
CA CA V . -4.09 -5.62 -29.26
CA CA W . -10.34 -0.04 -48.15
CA CA X . -12.18 -1.62 -3.42
CA CA Y . -23.28 -2.31 -20.46
CA CA Z . -31.67 4.37 -3.29
MG MG AA . -1.94 -5.63 -41.25
MG MG BA . -23.17 -2.89 -8.32
#